data_6ILM
#
_entry.id   6ILM
#
_cell.length_a   1.0
_cell.length_b   1.0
_cell.length_c   1.0
_cell.angle_alpha   90.00
_cell.angle_beta   90.00
_cell.angle_gamma   90.00
#
_symmetry.space_group_name_H-M   'P 1'
#
loop_
_entity.id
_entity.type
_entity.pdbx_description
1 polymer 'Capsid protein VP1'
2 polymer 'Capsid protein VP2'
3 polymer 'Capsid protein VP3'
4 polymer 'Capsid protein VP4'
5 polymer 'IgG receptor FcRn large subunit p51'
6 polymer Beta-2-microglobulin
7 non-polymer SPHINGOSINE
8 non-polymer 'POTASSIUM ION'
9 non-polymer 'SODIUM ION'
#
loop_
_entity_poly.entity_id
_entity_poly.type
_entity_poly.pdbx_seq_one_letter_code
_entity_poly.pdbx_strand_id
1 'polypeptide(L)'
;NDVQNAIDRAVVRVADTMPSGPSNSESIPALTAAETGHTSQVVPSDTIQTRHVRNFHVRSESSVENFLSRSACVYIVEYK
TRDDTPDKMYDSWVINTRQVAQLRRKLEFFTYVRFDVEVTFVITSVQDDSTRQNTDTPALTHQIMYVPPGGPIPQAVDDY
NWQTSTNPSVFWTEGNAPPRMSIPFMSVGNAYSNFYDGWSHFSQTGVYGFNTLNNMGKLYFRHVNDKTISPITSKVRIYF
KPKHVKAWVPRPPRLCEYTHKDNVDFEPKGVTTSRTQLTISNSTHVENY
;
A
2 'polypeptide(L)'
;SDRVRSITLGNSTITTQESANVVVGYGVWPDYLSDEEATAEDQPTQPDVATCRFYTLDSVSWMKESQGWWWKFPDALRDM
GLFGQNMQYHYLGRSGYTIHVQCNASKFHQGCLLVVCVPEAEMGAANINEKINREHLSNGEVANTFSGTKSSNTNDVQQA
VFNAGMGVAVGNLTIFPHQWINLRTNNCATIVMPYINSVPMDNMFRHYNFTLMIIPFAKLDYAAGSSTYIPITVTVAPMC
AEYNGLRLAGHQ
;
B
3 'polypeptide(L)'
;GLPVMNTPGSNQFLTSDDYQSPTAMPQFDVTPEMNIPGEVKNLMEIAEVDSVVPVNNVNENVNSLEAYRIPVHSVTETGA
QVFGFTLQPGADTVMERTLLGEILNYYANWSGSIKLTFMYCGSAMATGKFLLAYSPPGAGVPKNRREAMLGTHIIWDIGL
QSSCVLCVPWISQTHYRFVSKDIYTDAGFITCWYQTSIVVPAEVQNQSVILCFVSACNDFSVRLLRDSPFVRQTAFYQ
;
C
4 'polypeptide(L)' GAQVSTQKTGAHETSLSASGNSIIHYTNINYYKDAASNSANRQDFTQDPGKFTEPVKDIMVKSLPALN D
5 'polypeptide(L)'
;LSLLYHLTAVSSPAPGTPAFWVSGWLGPQQYLSYNSLRGEAEPCGAWVWENQVSWYWEKETTDLRIKEKLFLEAFKALGG
KGPYTLQGLLGCELGPDNTSVPTAKFALNGEEFMNFDLKQGTWGGDWPEALAISQRWQQQDKAANKELTFLLFSCPHRLR
EHLERGRGNLEWKEPPSMRLKARPSSPGFSVLTCSAFSFYPPELQLRFLRNGLAAGTGQGDFGPNSDGSFHASSSLTVKS
GDEHHYCCIVQHAGLAQPLRVEL
;
E
6 'polypeptide(L)'
;IQRTPKIQVYSRHPAENGKSNFLNCYVSGFHPSDIEVDLLKNGERIEKVEHSDLSFSKDWSFYLLYYTEFTPTEKDEYAC
RVNHVTLSQPKIVKWDRDM
;
F
#
# COMPACT_ATOMS: atom_id res chain seq x y z
N ASN A 1 0.27 4.08 36.86
CA ASN A 1 0.31 2.64 36.69
C ASN A 1 0.33 2.34 35.19
N ASP A 2 0.18 1.07 34.82
CA ASP A 2 0.02 0.68 33.43
C ASP A 2 -1.46 0.77 33.07
N VAL A 3 -1.84 0.27 31.90
CA VAL A 3 -3.26 0.19 31.59
C VAL A 3 -3.69 -1.27 31.44
N GLN A 4 -3.96 -1.91 32.57
CA GLN A 4 -4.76 -3.13 32.57
C GLN A 4 -5.86 -3.17 33.62
N ASN A 5 -5.62 -2.68 34.84
CA ASN A 5 -6.41 -3.17 35.97
C ASN A 5 -6.09 -2.37 37.24
N ALA A 6 -6.90 -2.63 38.26
CA ALA A 6 -6.63 -2.65 39.70
C ALA A 6 -6.62 -1.35 40.52
N ILE A 7 -6.63 -0.16 39.90
CA ILE A 7 -7.46 1.04 40.19
C ILE A 7 -7.05 2.12 39.19
N ASP A 8 -8.02 2.86 38.64
CA ASP A 8 -7.67 4.19 38.14
C ASP A 8 -8.03 5.29 39.14
N ARG A 9 -9.34 5.47 39.37
CA ARG A 9 -9.93 6.45 40.29
C ARG A 9 -9.31 7.85 40.16
N ALA A 10 -9.45 8.44 38.97
CA ALA A 10 -8.83 9.74 38.69
C ALA A 10 -9.71 10.53 37.74
N VAL A 11 -10.21 11.67 38.20
CA VAL A 11 -11.01 12.59 37.39
C VAL A 11 -10.23 13.88 37.24
N VAL A 12 -9.84 14.20 36.00
CA VAL A 12 -9.03 15.37 35.70
C VAL A 12 -9.89 16.33 34.90
N ARG A 13 -10.25 17.46 35.52
CA ARG A 13 -11.05 18.48 34.87
C ARG A 13 -10.16 19.38 34.00
N VAL A 14 -10.81 20.24 33.23
CA VAL A 14 -10.10 21.19 32.38
C VAL A 14 -9.67 22.39 33.21
N ALA A 15 -8.80 23.23 32.65
CA ALA A 15 -8.34 24.41 33.36
C ALA A 15 -9.43 25.47 33.41
N ASP A 16 -9.40 26.27 34.47
CA ASP A 16 -10.41 27.30 34.69
C ASP A 16 -10.00 28.60 34.00
N THR A 17 -10.81 29.64 34.17
CA THR A 17 -10.56 30.95 33.59
C THR A 17 -10.42 31.96 34.72
N MET A 18 -9.21 32.48 34.90
CA MET A 18 -8.94 33.43 35.96
C MET A 18 -9.39 34.84 35.55
N PRO A 19 -9.84 35.65 36.50
CA PRO A 19 -10.21 37.03 36.17
C PRO A 19 -8.99 37.90 35.91
N SER A 20 -9.20 38.96 35.14
CA SER A 20 -8.15 39.89 34.77
C SER A 20 -8.71 41.30 34.76
N GLY A 21 -7.86 42.26 34.40
CA GLY A 21 -8.25 43.65 34.34
C GLY A 21 -7.46 44.42 33.32
N PRO A 22 -7.42 45.75 33.47
CA PRO A 22 -6.60 46.57 32.56
C PRO A 22 -5.12 46.35 32.79
N SER A 23 -4.33 46.51 31.73
CA SER A 23 -2.90 46.32 31.80
C SER A 23 -2.23 47.18 30.74
N ASN A 24 -1.10 47.78 31.12
CA ASN A 24 -0.30 48.60 30.20
C ASN A 24 1.16 48.43 30.62
N SER A 25 1.84 47.47 29.99
CA SER A 25 3.21 47.13 30.35
C SER A 25 3.88 46.49 29.14
N GLU A 26 5.11 46.02 29.36
CA GLU A 26 5.91 45.41 28.30
C GLU A 26 5.68 43.91 28.18
N SER A 27 4.82 43.34 29.02
CA SER A 27 4.50 41.92 28.92
C SER A 27 3.42 41.72 27.85
N ILE A 28 3.83 41.25 26.68
CA ILE A 28 2.89 41.09 25.56
C ILE A 28 2.79 39.60 25.22
N PRO A 29 1.72 38.92 25.63
CA PRO A 29 1.56 37.51 25.24
C PRO A 29 1.17 37.32 23.79
N ALA A 30 0.69 38.37 23.10
CA ALA A 30 0.25 38.23 21.73
C ALA A 30 1.42 38.10 20.77
N LEU A 31 2.45 38.93 20.95
CA LEU A 31 3.64 38.89 20.10
C LEU A 31 4.44 37.64 20.43
N THR A 32 4.33 36.62 19.60
CA THR A 32 5.06 35.37 19.73
C THR A 32 5.85 35.10 18.46
N ALA A 33 6.48 33.93 18.40
CA ALA A 33 7.22 33.48 17.22
C ALA A 33 6.79 32.07 16.89
N ALA A 34 5.96 31.92 15.85
CA ALA A 34 5.50 30.61 15.43
C ALA A 34 6.49 29.89 14.53
N GLU A 35 7.63 30.52 14.22
CA GLU A 35 8.63 29.89 13.36
C GLU A 35 9.47 28.86 14.11
N THR A 36 9.46 28.89 15.44
CA THR A 36 10.27 27.99 16.25
C THR A 36 9.59 26.65 16.52
N GLY A 37 8.46 26.36 15.87
CA GLY A 37 7.71 25.16 16.16
C GLY A 37 7.02 25.18 17.50
N HIS A 38 6.79 26.36 18.06
CA HIS A 38 6.26 26.56 19.40
C HIS A 38 4.82 27.02 19.29
N THR A 39 3.88 26.16 19.68
CA THR A 39 2.49 26.55 19.73
C THR A 39 2.28 27.47 20.94
N SER A 40 1.73 28.65 20.68
CA SER A 40 1.54 29.64 21.74
C SER A 40 0.42 29.20 22.69
N GLN A 41 0.54 29.62 23.94
CA GLN A 41 -0.36 29.18 25.01
C GLN A 41 -1.17 30.35 25.57
N VAL A 42 -1.72 31.17 24.69
CA VAL A 42 -2.45 32.36 25.10
C VAL A 42 -3.78 31.97 25.76
N VAL A 43 -3.91 32.30 27.03
CA VAL A 43 -5.14 32.12 27.80
C VAL A 43 -6.03 33.30 27.44
N PRO A 44 -7.37 33.14 27.36
CA PRO A 44 -8.24 34.31 27.11
C PRO A 44 -8.19 35.40 28.17
N SER A 45 -7.68 35.12 29.37
CA SER A 45 -7.48 36.17 30.37
C SER A 45 -6.27 37.05 30.07
N ASP A 46 -5.40 36.64 29.14
CA ASP A 46 -4.20 37.41 28.85
C ASP A 46 -4.44 38.57 27.90
N THR A 47 -5.49 38.51 27.09
CA THR A 47 -5.77 39.54 26.10
C THR A 47 -6.95 40.44 26.47
N ILE A 48 -8.06 39.86 26.92
CA ILE A 48 -9.25 40.63 27.26
C ILE A 48 -9.56 40.42 28.75
N GLN A 49 -10.47 41.23 29.26
CA GLN A 49 -10.90 41.12 30.65
C GLN A 49 -11.89 39.98 30.80
N THR A 50 -11.57 39.00 31.63
CA THR A 50 -12.41 37.84 31.87
C THR A 50 -12.86 37.83 33.32
N ARG A 51 -13.68 36.83 33.66
CA ARG A 51 -14.21 36.65 35.00
C ARG A 51 -13.87 35.25 35.48
N HIS A 52 -14.11 35.01 36.77
CA HIS A 52 -13.80 33.73 37.39
C HIS A 52 -14.88 32.73 36.98
N VAL A 53 -14.57 31.89 35.99
CA VAL A 53 -15.48 30.86 35.52
C VAL A 53 -14.93 29.52 35.99
N ARG A 54 -15.57 28.92 36.98
CA ARG A 54 -15.20 27.59 37.44
C ARG A 54 -15.78 26.56 36.47
N ASN A 55 -14.92 25.97 35.63
CA ASN A 55 -15.34 25.11 34.54
C ASN A 55 -15.29 23.66 35.01
N PHE A 56 -16.41 22.95 34.84
CA PHE A 56 -16.54 21.57 35.28
C PHE A 56 -16.44 20.58 34.12
N HIS A 57 -15.93 21.01 32.98
CA HIS A 57 -15.80 20.13 31.83
C HIS A 57 -14.64 19.16 32.02
N VAL A 58 -14.82 17.94 31.55
CA VAL A 58 -13.85 16.87 31.68
C VAL A 58 -13.51 16.36 30.29
N ARG A 59 -12.22 16.25 29.99
CA ARG A 59 -11.75 15.66 28.72
C ARG A 59 -11.77 14.14 28.82
N SER A 60 -12.98 13.60 28.93
CA SER A 60 -13.18 12.19 29.26
C SER A 60 -13.35 11.32 28.02
N GLU A 61 -14.36 11.61 27.21
CA GLU A 61 -14.75 10.76 26.10
C GLU A 61 -13.95 11.07 24.83
N SER A 62 -12.94 11.95 24.94
CA SER A 62 -12.05 12.24 23.83
C SER A 62 -10.73 11.48 23.92
N SER A 63 -10.55 10.62 24.93
CA SER A 63 -9.34 9.84 25.05
C SER A 63 -9.33 8.73 24.01
N VAL A 64 -8.14 8.12 23.84
CA VAL A 64 -7.93 7.13 22.78
C VAL A 64 -8.70 5.84 23.09
N GLU A 65 -8.76 5.46 24.36
CA GLU A 65 -9.57 4.31 24.77
C GLU A 65 -11.06 4.61 24.62
N ASN A 66 -11.46 5.86 24.81
CA ASN A 66 -12.85 6.24 24.59
C ASN A 66 -13.16 6.57 23.12
N PHE A 67 -12.16 6.54 22.25
CA PHE A 67 -12.33 6.81 20.83
C PHE A 67 -12.29 5.56 19.97
N LEU A 68 -11.45 4.59 20.31
CA LEU A 68 -11.26 3.42 19.46
C LEU A 68 -12.03 2.18 19.91
N SER A 69 -12.44 2.10 21.17
CA SER A 69 -13.00 0.87 21.71
C SER A 69 -14.50 0.77 21.43
N ARG A 70 -14.81 0.68 20.14
CA ARG A 70 -16.16 0.36 19.69
C ARG A 70 -16.08 -0.64 18.55
N SER A 71 -17.05 -1.55 18.51
CA SER A 71 -17.05 -2.65 17.55
C SER A 71 -17.45 -2.13 16.18
N ALA A 72 -16.52 -2.17 15.23
CA ALA A 72 -16.78 -1.77 13.85
C ALA A 72 -16.61 -2.98 12.94
N CYS A 73 -17.44 -3.07 11.92
CA CYS A 73 -17.39 -4.20 10.99
C CYS A 73 -16.21 -4.05 10.04
N VAL A 74 -15.53 -5.16 9.79
CA VAL A 74 -14.33 -5.13 8.96
C VAL A 74 -14.47 -6.00 7.72
N TYR A 75 -15.31 -7.05 7.78
CA TYR A 75 -15.42 -7.95 6.64
C TYR A 75 -16.75 -8.70 6.69
N ILE A 76 -17.28 -8.95 5.49
CA ILE A 76 -18.50 -9.72 5.26
C ILE A 76 -18.10 -11.04 4.61
N VAL A 77 -18.69 -12.14 5.10
CA VAL A 77 -18.38 -13.48 4.61
C VAL A 77 -19.66 -14.11 4.06
N GLU A 78 -19.62 -14.55 2.80
CA GLU A 78 -20.75 -15.19 2.15
C GLU A 78 -20.34 -16.57 1.65
N TYR A 79 -21.11 -17.59 2.03
CA TYR A 79 -20.86 -18.97 1.60
C TYR A 79 -22.13 -19.79 1.78
N LYS A 80 -22.34 -20.76 0.90
CA LYS A 80 -23.58 -21.53 0.86
C LYS A 80 -23.39 -22.88 1.53
N THR A 81 -24.51 -23.55 1.80
CA THR A 81 -24.46 -24.85 2.46
C THR A 81 -24.38 -26.02 1.49
N ARG A 82 -24.72 -25.82 0.22
CA ARG A 82 -24.54 -26.83 -0.81
C ARG A 82 -24.37 -26.15 -2.15
N ASP A 83 -23.43 -26.67 -2.94
CA ASP A 83 -23.10 -26.12 -4.25
C ASP A 83 -22.54 -27.23 -5.13
N ASP A 84 -22.30 -26.90 -6.40
CA ASP A 84 -21.60 -27.81 -7.29
C ASP A 84 -20.10 -27.57 -7.28
N THR A 85 -19.67 -26.34 -6.99
CA THR A 85 -18.27 -25.97 -6.88
C THR A 85 -17.90 -25.82 -5.40
N PRO A 86 -16.85 -26.50 -4.93
CA PRO A 86 -16.56 -26.50 -3.49
C PRO A 86 -15.88 -25.24 -2.97
N ASP A 87 -15.62 -24.24 -3.81
CA ASP A 87 -15.04 -23.00 -3.33
C ASP A 87 -16.08 -22.02 -2.79
N LYS A 88 -17.37 -22.30 -3.00
CA LYS A 88 -18.44 -21.45 -2.51
C LYS A 88 -19.18 -22.06 -1.33
N MET A 89 -18.68 -23.18 -0.79
CA MET A 89 -19.26 -23.79 0.40
C MET A 89 -18.47 -23.50 1.67
N TYR A 90 -17.19 -23.20 1.55
CA TYR A 90 -16.41 -22.80 2.71
C TYR A 90 -15.87 -21.43 2.34
N ASP A 91 -15.30 -20.70 3.29
CA ASP A 91 -14.78 -19.38 3.00
C ASP A 91 -13.53 -19.11 3.81
N SER A 92 -12.63 -18.30 3.24
CA SER A 92 -11.40 -17.89 3.90
C SER A 92 -11.30 -16.36 3.88
N TRP A 93 -10.49 -15.84 4.80
CA TRP A 93 -10.23 -14.39 4.84
C TRP A 93 -8.89 -14.14 5.50
N VAL A 94 -7.97 -13.52 4.76
CA VAL A 94 -6.72 -13.04 5.35
C VAL A 94 -7.02 -11.81 6.21
N ILE A 95 -6.55 -11.84 7.45
CA ILE A 95 -6.99 -10.87 8.46
C ILE A 95 -6.25 -9.56 8.27
N ASN A 96 -7.01 -8.49 8.02
CA ASN A 96 -6.48 -7.14 7.99
C ASN A 96 -7.60 -6.16 8.32
N THR A 97 -7.21 -4.98 8.81
CA THR A 97 -8.14 -3.90 9.10
C THR A 97 -8.14 -2.86 7.99
N ARG A 98 -8.01 -3.31 6.75
CA ARG A 98 -7.73 -2.42 5.63
C ARG A 98 -8.81 -2.37 4.57
N GLN A 99 -9.89 -3.16 4.70
CA GLN A 99 -10.91 -3.22 3.67
C GLN A 99 -12.15 -2.41 4.03
N VAL A 100 -12.24 -1.89 5.25
CA VAL A 100 -13.28 -0.94 5.63
C VAL A 100 -12.58 0.34 6.10
N ALA A 101 -12.89 1.45 5.45
CA ALA A 101 -12.11 2.67 5.59
C ALA A 101 -12.33 3.40 6.91
N GLN A 102 -13.44 3.13 7.60
CA GLN A 102 -13.73 3.82 8.86
C GLN A 102 -12.74 3.41 9.95
N LEU A 103 -12.72 2.12 10.29
CA LEU A 103 -11.78 1.62 11.28
C LEU A 103 -10.34 1.68 10.79
N ARG A 104 -10.12 1.63 9.47
CA ARG A 104 -8.79 1.83 8.91
C ARG A 104 -8.28 3.24 9.18
N ARG A 105 -9.11 4.25 8.95
CA ARG A 105 -8.70 5.63 9.24
C ARG A 105 -8.57 5.88 10.73
N LYS A 106 -9.42 5.22 11.53
CA LYS A 106 -9.34 5.34 12.98
C LYS A 106 -8.06 4.73 13.53
N LEU A 107 -7.53 3.70 12.86
CA LEU A 107 -6.20 3.21 13.23
C LEU A 107 -5.09 4.04 12.60
N GLU A 108 -5.33 4.65 11.43
CA GLU A 108 -4.33 5.45 10.75
C GLU A 108 -4.24 6.89 11.26
N PHE A 109 -4.97 7.24 12.33
CA PHE A 109 -4.59 8.42 13.09
C PHE A 109 -3.17 8.31 13.64
N PHE A 110 -2.77 7.11 14.06
CA PHE A 110 -1.50 6.89 14.74
C PHE A 110 -0.63 5.95 13.94
N THR A 111 0.69 6.11 14.08
CA THR A 111 1.63 5.27 13.35
C THR A 111 1.78 3.91 14.00
N TYR A 112 2.03 3.88 15.31
CA TYR A 112 2.20 2.64 16.05
C TYR A 112 1.13 2.54 17.13
N VAL A 113 0.47 1.38 17.19
CA VAL A 113 -0.55 1.11 18.19
C VAL A 113 -0.27 -0.23 18.85
N ARG A 114 -0.83 -0.40 20.05
CA ARG A 114 -0.61 -1.60 20.85
C ARG A 114 -1.90 -1.87 21.61
N PHE A 115 -2.59 -2.94 21.27
CA PHE A 115 -3.89 -3.20 21.86
C PHE A 115 -4.20 -4.70 21.85
N ASP A 116 -5.29 -5.04 22.53
CA ASP A 116 -5.91 -6.36 22.47
C ASP A 116 -7.20 -6.24 21.67
N VAL A 117 -7.62 -7.36 21.08
CA VAL A 117 -8.73 -7.38 20.13
C VAL A 117 -9.90 -8.10 20.79
N GLU A 118 -11.12 -7.60 20.56
CA GLU A 118 -12.33 -8.28 21.00
C GLU A 118 -13.15 -8.57 19.75
N VAL A 119 -13.25 -9.85 19.40
CA VAL A 119 -13.83 -10.28 18.13
C VAL A 119 -15.25 -10.77 18.38
N THR A 120 -16.19 -10.29 17.57
CA THR A 120 -17.59 -10.71 17.65
C THR A 120 -18.09 -11.08 16.25
N PHE A 121 -18.76 -12.22 16.15
CA PHE A 121 -19.33 -12.69 14.89
C PHE A 121 -20.85 -12.60 14.95
N VAL A 122 -21.45 -12.01 13.91
CA VAL A 122 -22.90 -11.90 13.78
C VAL A 122 -23.26 -12.62 12.48
N ILE A 123 -24.00 -13.72 12.60
CA ILE A 123 -24.20 -14.66 11.50
C ILE A 123 -25.67 -14.64 11.09
N THR A 124 -25.93 -14.40 9.81
CA THR A 124 -27.29 -14.36 9.28
C THR A 124 -27.41 -15.29 8.09
N SER A 125 -28.44 -16.15 8.13
CA SER A 125 -28.68 -17.12 7.06
C SER A 125 -29.87 -16.72 6.20
N VAL A 126 -29.72 -16.89 4.90
CA VAL A 126 -30.75 -16.53 3.92
C VAL A 126 -31.01 -17.74 3.03
N GLN A 127 -32.29 -18.13 2.93
CA GLN A 127 -32.66 -19.23 2.04
C GLN A 127 -32.59 -18.76 0.59
N ASP A 128 -31.78 -19.45 -0.21
CA ASP A 128 -31.64 -19.09 -1.62
C ASP A 128 -32.85 -19.56 -2.43
N ASP A 129 -32.95 -19.03 -3.65
CA ASP A 129 -34.07 -19.35 -4.53
C ASP A 129 -33.83 -20.70 -5.17
N SER A 130 -34.82 -21.58 -5.08
CA SER A 130 -34.76 -22.91 -5.67
C SER A 130 -36.18 -23.39 -5.92
N THR A 131 -36.29 -24.62 -6.45
CA THR A 131 -37.60 -25.19 -6.72
C THR A 131 -38.25 -25.69 -5.43
N ARG A 132 -37.54 -26.51 -4.66
CA ARG A 132 -38.05 -27.03 -3.39
C ARG A 132 -37.95 -25.94 -2.33
N GLN A 133 -38.95 -25.06 -2.33
CA GLN A 133 -38.98 -23.95 -1.37
C GLN A 133 -39.34 -24.44 0.02
N ASN A 134 -40.27 -25.39 0.11
CA ASN A 134 -40.76 -25.89 1.39
C ASN A 134 -39.88 -27.04 1.89
N THR A 135 -39.05 -26.74 2.88
CA THR A 135 -38.17 -27.73 3.52
C THR A 135 -38.48 -27.78 5.00
N ASP A 136 -37.81 -28.69 5.70
CA ASP A 136 -37.93 -28.85 7.14
C ASP A 136 -36.54 -28.99 7.74
N THR A 137 -35.64 -28.08 7.36
CA THR A 137 -34.27 -28.15 7.82
C THR A 137 -34.17 -27.70 9.29
N PRO A 138 -33.38 -28.40 10.11
CA PRO A 138 -33.20 -27.96 11.50
C PRO A 138 -32.32 -26.72 11.64
N ALA A 139 -32.01 -26.34 12.88
CA ALA A 139 -31.16 -25.19 13.12
C ALA A 139 -29.73 -25.47 12.69
N LEU A 140 -29.15 -24.54 11.94
CA LEU A 140 -27.82 -24.73 11.38
C LEU A 140 -26.75 -24.57 12.44
N THR A 141 -25.57 -25.10 12.14
CA THR A 141 -24.42 -25.01 13.02
C THR A 141 -23.22 -24.57 12.19
N HIS A 142 -22.53 -23.53 12.64
CA HIS A 142 -21.40 -22.96 11.92
C HIS A 142 -20.11 -23.21 12.68
N GLN A 143 -19.02 -23.37 11.93
CA GLN A 143 -17.69 -23.46 12.52
C GLN A 143 -16.82 -22.33 11.99
N ILE A 144 -16.17 -21.63 12.92
CA ILE A 144 -15.27 -20.52 12.63
C ILE A 144 -13.90 -20.94 13.15
N MET A 145 -12.91 -21.01 12.26
CA MET A 145 -11.59 -21.52 12.60
C MET A 145 -10.53 -20.46 12.33
N TYR A 146 -9.54 -20.38 13.22
CA TYR A 146 -8.38 -19.50 13.04
C TYR A 146 -7.16 -20.35 12.73
N VAL A 147 -6.35 -19.89 11.78
CA VAL A 147 -5.13 -20.57 11.38
C VAL A 147 -3.96 -19.60 11.54
N PRO A 148 -3.01 -19.89 12.42
CA PRO A 148 -1.78 -19.08 12.51
C PRO A 148 -0.95 -19.24 11.26
N PRO A 149 -0.08 -18.24 10.94
CA PRO A 149 0.68 -18.30 9.67
C PRO A 149 1.70 -19.42 9.63
N GLY A 150 1.46 -20.41 8.77
CA GLY A 150 2.36 -21.54 8.63
C GLY A 150 1.68 -22.87 8.91
N GLY A 151 0.46 -22.82 9.45
CA GLY A 151 -0.25 -24.02 9.81
C GLY A 151 -0.90 -24.71 8.62
N PRO A 152 -1.57 -25.82 8.89
CA PRO A 152 -2.26 -26.54 7.82
C PRO A 152 -3.52 -25.80 7.38
N ILE A 153 -3.89 -26.05 6.13
CA ILE A 153 -4.99 -25.32 5.48
C ILE A 153 -5.94 -26.31 4.82
N PRO A 154 -7.24 -26.22 5.11
CA PRO A 154 -8.21 -27.12 4.46
C PRO A 154 -8.40 -26.79 2.99
N GLN A 155 -8.84 -27.80 2.25
CA GLN A 155 -9.04 -27.68 0.81
C GLN A 155 -10.49 -27.89 0.40
N ALA A 156 -11.35 -28.32 1.32
CA ALA A 156 -12.77 -28.50 1.06
C ALA A 156 -13.51 -28.41 2.39
N VAL A 157 -14.81 -28.72 2.36
CA VAL A 157 -15.62 -28.70 3.57
C VAL A 157 -15.62 -30.03 4.30
N ASP A 158 -15.15 -31.10 3.67
CA ASP A 158 -15.07 -32.42 4.30
C ASP A 158 -13.64 -32.83 4.61
N ASP A 159 -12.71 -31.87 4.62
CA ASP A 159 -11.31 -32.18 4.90
C ASP A 159 -11.13 -32.47 6.39
N TYR A 160 -10.08 -33.24 6.69
CA TYR A 160 -9.77 -33.63 8.05
C TYR A 160 -8.87 -32.62 8.75
N ASN A 161 -8.69 -31.44 8.17
CA ASN A 161 -7.98 -30.35 8.83
C ASN A 161 -8.89 -29.53 9.74
N TRP A 162 -10.17 -29.87 9.81
CA TRP A 162 -11.14 -29.20 10.67
C TRP A 162 -11.23 -29.85 12.05
N GLN A 163 -10.33 -30.78 12.37
CA GLN A 163 -10.37 -31.42 13.68
C GLN A 163 -9.97 -30.46 14.78
N THR A 164 -9.04 -29.54 14.48
CA THR A 164 -8.62 -28.42 15.33
C THR A 164 -8.09 -28.89 16.70
N SER A 165 -7.02 -29.70 16.64
CA SER A 165 -6.41 -30.18 17.86
C SER A 165 -5.58 -29.09 18.54
N THR A 166 -5.15 -28.09 17.79
CA THR A 166 -4.33 -27.02 18.34
C THR A 166 -4.95 -25.67 17.96
N ASN A 167 -5.59 -25.62 16.81
CA ASN A 167 -6.17 -24.37 16.32
C ASN A 167 -7.44 -24.05 17.10
N PRO A 168 -7.62 -22.81 17.57
CA PRO A 168 -8.87 -22.46 18.25
C PRO A 168 -10.02 -22.30 17.27
N SER A 169 -11.20 -22.73 17.69
CA SER A 169 -12.38 -22.68 16.82
C SER A 169 -13.63 -22.46 17.65
N VAL A 170 -14.62 -21.84 17.02
CA VAL A 170 -15.90 -21.50 17.65
C VAL A 170 -17.00 -22.22 16.90
N PHE A 171 -17.85 -22.95 17.63
CA PHE A 171 -19.00 -23.65 17.09
C PHE A 171 -20.25 -22.88 17.52
N TRP A 172 -20.96 -22.33 16.54
CA TRP A 172 -22.16 -21.54 16.81
C TRP A 172 -23.41 -22.30 16.40
N THR A 173 -24.40 -22.32 17.28
CA THR A 173 -25.71 -22.89 17.01
C THR A 173 -26.68 -21.76 16.72
N GLU A 174 -27.47 -21.91 15.66
CA GLU A 174 -28.33 -20.82 15.19
C GLU A 174 -29.48 -20.57 16.16
N GLY A 175 -29.62 -19.31 16.58
CA GLY A 175 -30.64 -18.90 17.52
C GLY A 175 -30.12 -18.45 18.87
N ASN A 176 -28.81 -18.54 19.11
CA ASN A 176 -28.22 -18.20 20.40
C ASN A 176 -27.55 -16.84 20.33
N ALA A 177 -26.81 -16.50 21.39
CA ALA A 177 -26.07 -15.25 21.44
C ALA A 177 -24.91 -15.27 20.45
N PRO A 178 -24.53 -14.10 19.92
CA PRO A 178 -23.40 -14.04 18.98
C PRO A 178 -22.07 -14.37 19.66
N PRO A 179 -21.16 -15.05 18.97
CA PRO A 179 -19.86 -15.36 19.56
C PRO A 179 -18.97 -14.14 19.73
N ARG A 180 -18.29 -14.12 20.88
CA ARG A 180 -17.40 -13.03 21.25
C ARG A 180 -16.25 -13.60 22.05
N MET A 181 -15.02 -13.19 21.72
CA MET A 181 -13.85 -13.62 22.48
C MET A 181 -12.72 -12.60 22.35
N SER A 182 -11.87 -12.55 23.38
CA SER A 182 -10.75 -11.65 23.45
C SER A 182 -9.48 -12.33 22.94
N ILE A 183 -8.57 -11.52 22.42
CA ILE A 183 -7.32 -11.97 21.80
C ILE A 183 -6.20 -11.03 22.21
N PRO A 184 -5.09 -11.55 22.72
CA PRO A 184 -4.00 -10.70 23.20
C PRO A 184 -3.15 -10.15 22.05
N PHE A 185 -2.09 -9.47 22.44
CA PHE A 185 -1.17 -8.81 21.51
C PHE A 185 -0.29 -9.87 20.84
N MET A 186 -0.69 -10.31 19.65
CA MET A 186 0.02 -11.38 18.94
C MET A 186 1.02 -10.85 17.91
N SER A 187 1.59 -9.67 18.13
CA SER A 187 2.55 -9.14 17.18
C SER A 187 3.98 -9.49 17.60
N VAL A 188 4.86 -9.54 16.61
CA VAL A 188 6.27 -9.82 16.87
C VAL A 188 6.97 -8.59 17.44
N GLY A 189 6.74 -7.43 16.85
CA GLY A 189 7.31 -6.19 17.35
C GLY A 189 6.61 -5.71 18.61
N ASN A 190 7.09 -4.58 19.11
CA ASN A 190 6.56 -4.01 20.34
C ASN A 190 5.26 -3.25 20.13
N ALA A 191 4.87 -2.99 18.89
CA ALA A 191 3.63 -2.30 18.58
C ALA A 191 3.24 -2.63 17.15
N TYR A 192 1.95 -2.51 16.85
CA TYR A 192 1.47 -2.74 15.48
C TYR A 192 1.92 -1.60 14.58
N SER A 193 2.64 -1.93 13.52
CA SER A 193 3.12 -0.93 12.57
C SER A 193 2.04 -0.70 11.52
N ASN A 194 1.36 0.45 11.60
CA ASN A 194 0.33 0.76 10.62
C ASN A 194 0.94 1.17 9.28
N PHE A 195 1.90 2.08 9.30
CA PHE A 195 2.63 2.49 8.11
C PHE A 195 4.07 2.05 8.24
N TYR A 196 4.60 1.40 7.20
CA TYR A 196 5.97 0.89 7.21
C TYR A 196 6.67 1.37 5.95
N ASP A 197 7.41 2.48 6.07
CA ASP A 197 8.22 3.01 4.97
C ASP A 197 9.46 2.14 4.85
N GLY A 198 9.30 1.03 4.12
CA GLY A 198 10.41 0.11 3.97
C GLY A 198 10.12 -0.94 2.92
N TRP A 199 11.14 -1.72 2.61
CA TRP A 199 11.06 -2.76 1.60
C TRP A 199 10.87 -4.12 2.26
N SER A 200 10.91 -5.18 1.45
CA SER A 200 10.85 -6.56 1.92
C SER A 200 12.19 -7.26 1.88
N HIS A 201 12.99 -6.99 0.86
CA HIS A 201 14.31 -7.60 0.71
C HIS A 201 15.40 -6.56 0.94
N PHE A 202 16.62 -7.07 1.13
CA PHE A 202 17.73 -6.20 1.54
C PHE A 202 18.29 -5.39 0.38
N SER A 203 17.95 -5.74 -0.85
CA SER A 203 18.40 -4.99 -2.03
C SER A 203 17.44 -3.89 -2.44
N GLN A 204 16.54 -3.50 -1.53
CA GLN A 204 15.55 -2.42 -1.74
C GLN A 204 14.64 -2.70 -2.93
N THR A 205 14.34 -3.97 -3.19
CA THR A 205 13.39 -4.34 -4.23
C THR A 205 12.27 -5.18 -3.65
N GLY A 206 11.40 -5.69 -4.51
CA GLY A 206 10.30 -6.54 -4.07
C GLY A 206 9.01 -5.75 -3.90
N VAL A 207 8.33 -5.96 -2.79
CA VAL A 207 7.09 -5.25 -2.48
C VAL A 207 7.42 -4.11 -1.51
N TYR A 208 6.63 -3.04 -1.57
CA TYR A 208 6.88 -1.84 -0.78
C TYR A 208 5.66 -1.49 0.05
N GLY A 209 5.92 -1.05 1.27
CA GLY A 209 4.88 -0.57 2.15
C GLY A 209 4.74 -1.40 3.42
N PHE A 210 3.53 -1.37 3.97
CA PHE A 210 3.18 -2.11 5.19
C PHE A 210 2.69 -3.51 4.88
N ASN A 211 2.98 -4.00 3.68
CA ASN A 211 2.44 -5.25 3.17
C ASN A 211 3.25 -6.47 3.60
N THR A 212 4.27 -6.27 4.44
CA THR A 212 5.10 -7.36 4.94
C THR A 212 4.92 -7.62 6.42
N LEU A 213 4.35 -6.68 7.18
CA LEU A 213 4.23 -6.80 8.62
C LEU A 213 2.81 -7.09 9.08
N ASN A 214 2.04 -7.86 8.31
CA ASN A 214 0.71 -8.23 8.79
C ASN A 214 0.83 -9.54 9.56
N ASN A 215 1.14 -10.63 8.83
CA ASN A 215 1.60 -11.92 9.38
C ASN A 215 0.67 -12.50 10.44
N MET A 216 -0.64 -12.34 10.25
CA MET A 216 -1.61 -12.68 11.30
C MET A 216 -2.25 -14.04 11.15
N GLY A 217 -2.02 -14.75 10.05
CA GLY A 217 -2.81 -15.92 9.76
C GLY A 217 -4.14 -15.53 9.14
N LYS A 218 -5.08 -16.47 9.13
CA LYS A 218 -6.32 -16.23 8.42
C LYS A 218 -7.47 -17.02 9.01
N LEU A 219 -8.69 -16.59 8.69
CA LEU A 219 -9.92 -17.17 9.20
C LEU A 219 -10.58 -18.06 8.15
N TYR A 220 -11.31 -19.06 8.64
CA TYR A 220 -12.05 -19.99 7.82
C TYR A 220 -13.44 -20.19 8.40
N PHE A 221 -14.40 -20.40 7.50
CA PHE A 221 -15.82 -20.45 7.85
C PHE A 221 -16.47 -21.60 7.10
N ARG A 222 -17.24 -22.43 7.82
CA ARG A 222 -17.95 -23.51 7.15
C ARG A 222 -19.24 -23.85 7.89
N HIS A 223 -20.14 -24.55 7.19
CA HIS A 223 -21.31 -25.15 7.81
C HIS A 223 -20.98 -26.54 8.33
N VAL A 224 -21.23 -26.76 9.62
CA VAL A 224 -20.95 -28.05 10.25
C VAL A 224 -21.86 -29.15 9.70
N ASN A 225 -23.09 -28.81 9.34
CA ASN A 225 -24.05 -29.79 8.84
C ASN A 225 -23.66 -30.29 7.45
N ASP A 226 -24.25 -31.41 7.07
CA ASP A 226 -23.91 -32.09 5.82
C ASP A 226 -24.65 -31.47 4.64
N LYS A 227 -24.66 -32.18 3.51
CA LYS A 227 -25.35 -31.72 2.32
C LYS A 227 -26.86 -31.73 2.54
N THR A 228 -27.49 -30.57 2.34
CA THR A 228 -28.92 -30.44 2.52
C THR A 228 -29.65 -30.74 1.21
N ILE A 229 -30.94 -30.42 1.16
CA ILE A 229 -31.75 -30.63 -0.04
C ILE A 229 -32.11 -29.32 -0.73
N SER A 230 -31.69 -28.18 -0.17
CA SER A 230 -31.97 -26.87 -0.73
C SER A 230 -30.84 -25.93 -0.35
N PRO A 231 -30.39 -25.08 -1.27
CA PRO A 231 -29.28 -24.18 -0.95
C PRO A 231 -29.69 -23.04 -0.02
N ILE A 232 -28.91 -22.86 1.04
CA ILE A 232 -29.10 -21.79 2.01
C ILE A 232 -27.74 -21.12 2.22
N THR A 233 -27.65 -19.82 1.93
CA THR A 233 -26.41 -19.10 2.10
C THR A 233 -26.34 -18.51 3.51
N SER A 234 -25.12 -18.16 3.92
CA SER A 234 -24.90 -17.56 5.23
C SER A 234 -23.86 -16.47 5.10
N LYS A 235 -24.13 -15.34 5.75
CA LYS A 235 -23.25 -14.19 5.70
C LYS A 235 -22.93 -13.79 7.13
N VAL A 236 -21.65 -13.75 7.46
CA VAL A 236 -21.21 -13.39 8.79
C VAL A 236 -20.51 -12.04 8.69
N ARG A 237 -20.48 -11.32 9.81
CA ARG A 237 -19.90 -9.99 9.86
C ARG A 237 -18.89 -9.94 10.99
N ILE A 238 -17.62 -9.71 10.66
CA ILE A 238 -16.56 -9.72 11.67
C ILE A 238 -16.50 -8.34 12.32
N TYR A 239 -16.58 -8.30 13.65
CA TYR A 239 -16.54 -7.05 14.41
C TYR A 239 -15.31 -7.06 15.29
N PHE A 240 -14.37 -6.17 15.01
CA PHE A 240 -13.20 -5.95 15.86
C PHE A 240 -13.48 -4.81 16.83
N LYS A 241 -13.12 -5.01 18.10
CA LYS A 241 -13.18 -3.97 19.11
C LYS A 241 -11.81 -3.85 19.75
N PRO A 242 -11.01 -2.84 19.42
CA PRO A 242 -9.69 -2.69 20.04
C PRO A 242 -9.80 -2.10 21.45
N LYS A 243 -9.38 -2.89 22.44
CA LYS A 243 -9.35 -2.45 23.83
C LYS A 243 -7.91 -2.50 24.33
N HIS A 244 -7.70 -1.87 25.49
CA HIS A 244 -6.38 -1.71 26.13
C HIS A 244 -5.40 -1.01 25.18
N VAL A 245 -5.84 0.11 24.61
CA VAL A 245 -5.18 0.72 23.47
C VAL A 245 -4.14 1.72 23.93
N LYS A 246 -2.92 1.58 23.43
CA LYS A 246 -1.89 2.60 23.54
C LYS A 246 -1.43 2.99 22.14
N ALA A 247 -1.02 4.25 21.99
CA ALA A 247 -0.69 4.76 20.67
C ALA A 247 0.53 5.66 20.76
N TRP A 248 1.28 5.74 19.67
CA TRP A 248 2.49 6.55 19.61
C TRP A 248 2.59 7.23 18.25
N VAL A 249 3.32 8.36 18.24
CA VAL A 249 3.75 9.21 17.11
C VAL A 249 2.63 9.43 16.08
N PRO A 250 1.67 10.33 16.37
CA PRO A 250 0.53 10.53 15.47
C PRO A 250 0.88 11.22 14.15
N ARG A 251 -0.15 11.45 13.33
CA ARG A 251 0.00 11.93 11.96
C ARG A 251 -1.32 12.56 11.55
N PRO A 252 -1.35 13.46 10.56
CA PRO A 252 -2.63 14.07 10.16
C PRO A 252 -3.55 13.07 9.49
N PRO A 253 -4.87 13.27 9.59
CA PRO A 253 -5.81 12.32 8.97
C PRO A 253 -5.76 12.37 7.45
N ARG A 254 -6.25 11.31 6.80
CA ARG A 254 -6.15 11.17 5.37
C ARG A 254 -7.12 12.11 4.66
N LEU A 255 -6.62 12.81 3.64
CA LEU A 255 -7.42 13.76 2.87
C LEU A 255 -8.06 13.08 1.66
N CYS A 256 -7.27 12.32 0.92
CA CYS A 256 -7.78 11.65 -0.28
C CYS A 256 -8.51 10.36 0.09
N GLU A 257 -9.11 9.74 -0.92
CA GLU A 257 -9.81 8.48 -0.72
C GLU A 257 -8.86 7.31 -0.92
N TYR A 258 -9.24 6.17 -0.36
CA TYR A 258 -8.45 4.96 -0.49
C TYR A 258 -8.64 4.33 -1.87
N THR A 259 -7.65 3.53 -2.27
CA THR A 259 -7.73 2.82 -3.54
C THR A 259 -7.68 1.31 -3.33
N HIS A 260 -6.71 0.85 -2.54
CA HIS A 260 -6.53 -0.58 -2.28
C HIS A 260 -6.29 -0.81 -0.78
N LYS A 261 -5.99 -2.05 -0.42
CA LYS A 261 -5.86 -2.46 0.96
C LYS A 261 -4.43 -2.72 1.40
N ASP A 262 -3.45 -2.56 0.50
CA ASP A 262 -2.08 -2.89 0.85
C ASP A 262 -1.09 -1.79 0.47
N ASN A 263 -1.56 -0.60 0.15
CA ASN A 263 -0.67 0.52 -0.17
C ASN A 263 -1.38 1.82 0.19
N VAL A 264 -0.61 2.91 0.14
CA VAL A 264 -1.12 4.23 0.45
C VAL A 264 -1.45 5.01 -0.84
N ASP A 265 -1.51 4.31 -1.97
CA ASP A 265 -1.70 4.94 -3.27
C ASP A 265 -3.06 5.59 -3.38
N PHE A 266 -3.12 6.72 -4.10
CA PHE A 266 -4.29 7.57 -4.10
C PHE A 266 -4.37 8.35 -5.40
N GLU A 267 -5.54 8.95 -5.62
CA GLU A 267 -5.83 9.99 -6.60
C GLU A 267 -5.88 11.34 -5.91
N PRO A 268 -5.27 12.38 -6.49
CA PRO A 268 -5.13 13.65 -5.78
C PRO A 268 -6.44 14.42 -5.61
N LYS A 269 -6.92 14.44 -4.37
CA LYS A 269 -8.09 15.22 -4.00
C LYS A 269 -7.64 16.57 -3.44
N GLY A 270 -8.46 17.60 -3.66
CA GLY A 270 -8.14 18.94 -3.24
C GLY A 270 -8.15 19.13 -1.73
N VAL A 271 -7.79 20.34 -1.32
CA VAL A 271 -7.62 20.65 0.10
C VAL A 271 -8.98 20.77 0.79
N THR A 272 -9.84 21.65 0.29
CA THR A 272 -11.08 21.97 0.97
C THR A 272 -12.14 22.28 -0.07
N THR A 273 -13.23 22.94 0.34
CA THR A 273 -14.34 23.26 -0.54
C THR A 273 -14.45 24.77 -0.71
N SER A 274 -14.55 25.21 -1.96
CA SER A 274 -14.79 26.63 -2.25
C SER A 274 -16.24 26.99 -1.93
N ARG A 275 -16.49 28.29 -1.69
CA ARG A 275 -17.87 28.73 -1.51
C ARG A 275 -18.24 29.63 -2.67
N THR A 276 -17.76 30.88 -2.73
CA THR A 276 -17.80 31.71 -3.93
C THR A 276 -16.52 32.53 -4.09
N GLN A 277 -15.93 32.93 -2.96
CA GLN A 277 -15.04 34.09 -2.90
C GLN A 277 -14.02 33.88 -1.78
N LEU A 278 -13.39 34.99 -1.38
CA LEU A 278 -12.43 35.03 -0.29
C LEU A 278 -12.92 35.75 0.94
N THR A 279 -13.78 36.77 0.79
CA THR A 279 -14.30 37.51 1.92
C THR A 279 -15.79 37.20 2.12
N ILE A 280 -16.33 37.70 3.23
CA ILE A 280 -17.73 37.54 3.56
C ILE A 280 -18.35 38.91 3.76
N SER A 281 -19.68 38.96 3.69
CA SER A 281 -20.42 40.21 3.83
C SER A 281 -21.77 39.88 4.46
N ASN A 282 -22.71 40.82 4.35
CA ASN A 282 -24.05 40.64 4.89
C ASN A 282 -24.89 39.77 3.96
N SER A 283 -26.19 39.74 4.23
CA SER A 283 -27.10 38.87 3.51
C SER A 283 -27.46 39.47 2.14
N THR A 284 -28.42 38.83 1.47
CA THR A 284 -28.70 39.08 0.06
C THR A 284 -30.22 39.22 -0.16
N HIS A 285 -30.84 40.12 0.62
CA HIS A 285 -32.28 40.29 0.74
C HIS A 285 -32.88 38.98 1.24
N VAL A 286 -32.65 38.72 2.53
CA VAL A 286 -32.48 37.44 3.22
C VAL A 286 -33.40 36.33 2.73
N GLU A 287 -32.80 35.17 2.40
CA GLU A 287 -33.48 34.04 1.79
C GLU A 287 -33.32 32.79 2.66
N ASN A 288 -33.52 32.94 3.97
CA ASN A 288 -33.48 31.81 4.89
C ASN A 288 -34.85 31.20 5.13
N TYR A 289 -35.75 31.30 4.15
CA TYR A 289 -37.12 30.82 4.29
C TYR A 289 -37.22 29.36 3.90
N SER B 1 21.51 37.43 24.17
CA SER B 1 20.83 37.15 22.91
C SER B 1 20.77 35.65 22.65
N ASP B 2 19.62 35.17 22.18
CA ASP B 2 19.42 33.76 21.87
C ASP B 2 19.34 33.50 20.37
N ARG B 3 19.77 34.45 19.55
CA ARG B 3 19.78 34.30 18.10
C ARG B 3 21.05 33.62 17.60
N VAL B 4 22.10 33.57 18.41
CA VAL B 4 23.38 32.99 18.03
C VAL B 4 23.49 31.62 18.66
N ARG B 5 23.71 30.59 17.84
CA ARG B 5 23.84 29.22 18.32
C ARG B 5 25.05 28.56 17.69
N SER B 6 25.84 27.88 18.53
CA SER B 6 27.05 27.19 18.09
C SER B 6 26.94 25.73 18.50
N ILE B 7 26.71 24.84 17.53
CA ILE B 7 26.54 23.42 17.79
C ILE B 7 27.82 22.70 17.33
N THR B 8 28.44 21.98 18.25
CA THR B 8 29.72 21.30 18.00
C THR B 8 29.54 19.81 18.16
N LEU B 9 29.84 19.05 17.11
CA LEU B 9 29.79 17.59 17.14
C LEU B 9 31.01 17.03 16.44
N GLY B 10 31.67 16.08 17.07
CA GLY B 10 32.86 15.44 16.52
C GLY B 10 34.02 16.41 16.36
N ASN B 11 34.43 16.63 15.11
CA ASN B 11 35.41 17.65 14.78
C ASN B 11 34.80 18.71 13.86
N SER B 12 33.51 18.98 14.05
CA SER B 12 32.80 19.91 13.20
C SER B 12 31.93 20.82 14.06
N THR B 13 31.74 22.06 13.58
CA THR B 13 31.05 23.09 14.36
C THR B 13 30.26 23.98 13.41
N ILE B 14 28.98 24.18 13.72
CA ILE B 14 28.12 25.09 12.98
C ILE B 14 27.77 26.27 13.87
N THR B 15 28.13 27.47 13.45
CA THR B 15 27.84 28.70 14.18
C THR B 15 26.91 29.56 13.34
N THR B 16 25.75 29.90 13.89
CA THR B 16 24.78 30.76 13.22
C THR B 16 24.43 31.94 14.10
N GLN B 17 24.11 33.06 13.46
CA GLN B 17 23.85 34.31 14.17
C GLN B 17 22.39 34.76 14.08
N GLU B 18 21.57 34.09 13.30
CA GLU B 18 20.14 34.42 13.20
C GLU B 18 19.30 33.15 13.32
N SER B 19 19.68 32.28 14.25
CA SER B 19 18.89 31.10 14.52
C SER B 19 17.63 31.44 15.30
N ALA B 20 16.72 30.47 15.41
CA ALA B 20 15.45 30.68 16.08
C ALA B 20 15.34 29.88 17.37
N ASN B 21 15.42 28.56 17.29
CA ASN B 21 15.31 27.64 18.44
C ASN B 21 15.78 26.27 17.94
N VAL B 22 15.67 25.27 18.81
CA VAL B 22 15.96 23.88 18.45
C VAL B 22 14.79 23.02 18.93
N VAL B 23 14.10 22.38 18.00
CA VAL B 23 13.04 21.44 18.35
C VAL B 23 13.68 20.08 18.58
N VAL B 24 13.56 19.56 19.80
CA VAL B 24 14.18 18.28 20.12
C VAL B 24 13.09 17.23 20.22
N GLY B 25 12.79 16.58 19.08
CA GLY B 25 11.87 15.46 18.96
C GLY B 25 10.49 15.64 19.56
N TYR B 26 10.12 14.71 20.43
CA TYR B 26 8.90 14.79 21.23
C TYR B 26 9.25 14.95 22.69
N GLY B 27 10.27 15.77 22.97
CA GLY B 27 10.78 15.95 24.31
C GLY B 27 11.84 14.95 24.71
N VAL B 28 12.23 14.04 23.82
CA VAL B 28 13.17 12.98 24.11
C VAL B 28 14.45 13.23 23.34
N TRP B 29 15.58 13.26 24.05
CA TRP B 29 16.97 13.39 23.65
C TRP B 29 17.52 12.04 23.21
N PRO B 30 18.38 12.01 22.19
CA PRO B 30 18.93 10.73 21.72
C PRO B 30 19.89 10.12 22.72
N ASP B 31 19.69 8.83 22.99
CA ASP B 31 20.47 8.11 23.98
C ASP B 31 20.65 6.68 23.50
N TYR B 32 21.65 5.99 24.06
CA TYR B 32 21.91 4.61 23.70
C TYR B 32 20.83 3.69 24.25
N LEU B 33 20.80 2.46 23.72
CA LEU B 33 19.79 1.48 24.10
C LEU B 33 20.10 0.93 25.48
N SER B 34 19.06 0.87 26.33
CA SER B 34 19.23 0.36 27.68
C SER B 34 19.40 -1.16 27.68
N ASP B 35 19.84 -1.68 28.81
CA ASP B 35 20.05 -3.12 28.95
C ASP B 35 18.74 -3.90 29.13
N GLU B 36 17.63 -3.22 29.43
CA GLU B 36 16.35 -3.88 29.59
C GLU B 36 15.60 -3.98 28.28
N GLU B 37 15.73 -2.99 27.40
CA GLU B 37 15.06 -2.99 26.10
C GLU B 37 15.87 -3.65 25.01
N ALA B 38 17.01 -4.25 25.32
CA ALA B 38 17.86 -4.86 24.32
C ALA B 38 17.32 -6.23 23.91
N THR B 39 17.65 -6.63 22.69
CA THR B 39 17.21 -7.89 22.13
C THR B 39 18.36 -8.81 21.76
N ALA B 40 19.37 -8.31 21.05
CA ALA B 40 20.49 -9.14 20.62
C ALA B 40 21.41 -9.44 21.81
N GLU B 41 22.25 -10.47 21.62
CA GLU B 41 23.05 -11.03 22.71
C GLU B 41 24.54 -10.86 22.47
N ASP B 42 24.97 -9.68 22.02
CA ASP B 42 26.38 -9.37 21.85
C ASP B 42 26.61 -7.88 22.07
N GLN B 43 27.88 -7.50 22.13
CA GLN B 43 28.24 -6.12 22.44
C GLN B 43 27.99 -5.23 21.21
N PRO B 44 27.28 -4.12 21.36
CA PRO B 44 27.11 -3.20 20.24
C PRO B 44 28.41 -2.48 19.90
N THR B 45 28.50 -2.05 18.65
CA THR B 45 29.68 -1.34 18.15
C THR B 45 29.40 0.16 18.21
N GLN B 46 29.99 0.82 19.20
CA GLN B 46 29.97 2.27 19.31
C GLN B 46 31.32 2.77 18.81
N PRO B 47 31.43 3.12 17.50
CA PRO B 47 32.75 3.18 16.84
C PRO B 47 33.71 4.24 17.34
N ASP B 48 33.32 5.51 17.21
CA ASP B 48 34.23 6.63 17.40
C ASP B 48 33.42 7.92 17.38
N VAL B 49 34.08 9.07 17.44
CA VAL B 49 33.42 10.34 17.14
C VAL B 49 33.47 10.68 15.67
N ALA B 50 34.03 9.80 14.84
CA ALA B 50 34.09 10.00 13.40
C ALA B 50 32.82 9.56 12.68
N THR B 51 31.86 8.98 13.42
CA THR B 51 30.57 8.63 12.84
C THR B 51 29.44 9.48 13.40
N CYS B 52 29.75 10.44 14.28
CA CYS B 52 28.74 11.32 14.86
C CYS B 52 29.06 12.77 14.56
N ARG B 53 29.44 13.07 13.32
CA ARG B 53 29.84 14.41 12.91
C ARG B 53 28.89 14.93 11.85
N PHE B 54 29.01 16.22 11.57
CA PHE B 54 28.16 16.88 10.58
C PHE B 54 28.64 16.54 9.18
N TYR B 55 27.77 15.87 8.42
CA TYR B 55 28.00 15.63 6.99
C TYR B 55 27.08 16.56 6.20
N THR B 56 27.64 17.20 5.19
CA THR B 56 26.92 18.20 4.40
C THR B 56 26.40 17.57 3.11
N LEU B 57 25.09 17.61 2.93
CA LEU B 57 24.48 17.12 1.71
C LEU B 57 24.61 18.15 0.60
N ASP B 58 24.17 17.80 -0.60
CA ASP B 58 24.26 18.71 -1.73
C ASP B 58 23.19 19.79 -1.65
N SER B 59 23.49 20.92 -2.27
CA SER B 59 22.59 22.08 -2.24
C SER B 59 21.60 22.02 -3.39
N VAL B 60 20.47 22.70 -3.19
CA VAL B 60 19.44 22.81 -4.22
C VAL B 60 19.16 24.29 -4.46
N SER B 61 18.69 24.60 -5.67
CA SER B 61 18.35 25.96 -6.04
C SER B 61 16.85 26.18 -5.87
N TRP B 62 16.49 27.27 -5.20
CA TRP B 62 15.09 27.56 -4.87
C TRP B 62 14.63 28.75 -5.69
N MET B 63 13.96 28.48 -6.81
CA MET B 63 13.46 29.50 -7.70
C MET B 63 12.10 30.02 -7.24
N LYS B 64 11.44 30.80 -8.08
CA LYS B 64 10.11 31.29 -7.77
C LYS B 64 9.06 30.20 -7.93
N GLU B 65 9.28 29.26 -8.86
CA GLU B 65 8.32 28.21 -9.16
C GLU B 65 8.67 26.88 -8.52
N SER B 66 9.60 26.86 -7.58
CA SER B 66 9.97 25.62 -6.90
C SER B 66 8.85 25.18 -5.96
N GLN B 67 8.79 23.88 -5.71
CA GLN B 67 7.68 23.30 -4.97
C GLN B 67 8.10 22.57 -3.70
N GLY B 68 9.25 21.89 -3.71
CA GLY B 68 9.71 21.21 -2.50
C GLY B 68 10.72 20.15 -2.84
N TRP B 69 11.25 19.53 -1.79
CA TRP B 69 12.25 18.47 -1.91
C TRP B 69 12.06 17.51 -0.75
N TRP B 70 12.49 16.26 -0.93
CA TRP B 70 12.46 15.32 0.18
C TRP B 70 13.63 14.36 0.12
N TRP B 71 14.23 14.12 1.29
CA TRP B 71 15.38 13.24 1.46
C TRP B 71 14.99 12.02 2.29
N LYS B 72 15.86 11.01 2.28
CA LYS B 72 15.67 9.78 3.06
C LYS B 72 17.00 9.46 3.74
N PHE B 73 17.17 9.93 4.98
CA PHE B 73 18.45 9.88 5.70
C PHE B 73 19.06 8.51 6.01
N PRO B 74 18.31 7.43 6.30
CA PRO B 74 18.97 6.12 6.35
C PRO B 74 19.38 5.58 4.99
N ASP B 75 19.02 6.23 3.90
CA ASP B 75 19.58 5.89 2.59
C ASP B 75 20.45 7.01 2.03
N ALA B 76 20.29 8.24 2.52
CA ALA B 76 21.08 9.35 2.00
C ALA B 76 22.52 9.32 2.49
N LEU B 77 22.77 8.83 3.70
CA LEU B 77 24.10 8.80 4.28
C LEU B 77 24.81 7.47 4.06
N ARG B 78 24.47 6.75 2.99
CA ARG B 78 25.10 5.47 2.71
C ARG B 78 26.54 5.61 2.21
N ASP B 79 26.94 6.81 1.76
CA ASP B 79 28.28 7.04 1.24
C ASP B 79 28.99 8.16 1.98
N MET B 80 28.51 8.56 3.15
CA MET B 80 29.10 9.68 3.90
C MET B 80 30.12 9.17 4.92
N GLY B 81 31.23 8.64 4.40
CA GLY B 81 32.35 8.28 5.25
C GLY B 81 32.10 7.04 6.09
N LEU B 82 32.65 7.03 7.30
CA LEU B 82 32.59 5.88 8.19
C LEU B 82 31.20 5.61 8.74
N PHE B 83 30.27 6.57 8.64
CA PHE B 83 28.88 6.27 8.96
C PHE B 83 28.28 5.33 7.91
N GLY B 84 28.71 5.48 6.65
CA GLY B 84 28.18 4.63 5.60
C GLY B 84 28.79 3.25 5.60
N GLN B 85 30.11 3.15 5.82
CA GLN B 85 30.80 1.86 5.81
C GLN B 85 30.33 0.97 6.95
N ASN B 86 30.05 1.57 8.12
CA ASN B 86 29.47 0.81 9.23
C ASN B 86 28.05 0.34 8.92
N MET B 87 27.38 0.98 7.97
CA MET B 87 26.10 0.46 7.49
C MET B 87 26.30 -0.80 6.67
N GLN B 88 27.42 -0.90 5.95
CA GLN B 88 27.58 -1.98 4.99
C GLN B 88 28.07 -3.26 5.67
N TYR B 89 28.91 -3.15 6.68
CA TYR B 89 29.44 -4.34 7.35
C TYR B 89 28.56 -4.83 8.50
N HIS B 90 27.57 -4.07 8.92
CA HIS B 90 26.71 -4.46 10.02
C HIS B 90 25.31 -4.76 9.53
N TYR B 91 24.52 -5.40 10.40
CA TYR B 91 23.15 -5.80 10.11
C TYR B 91 22.13 -4.84 10.72
N LEU B 92 22.33 -4.46 11.98
CA LEU B 92 21.43 -3.56 12.69
C LEU B 92 22.06 -2.17 12.78
N GLY B 93 21.33 -1.26 13.41
CA GLY B 93 21.82 0.09 13.59
C GLY B 93 20.80 0.93 14.31
N ARG B 94 21.30 1.84 15.14
CA ARG B 94 20.43 2.70 15.93
C ARG B 94 21.12 4.04 16.14
N SER B 95 20.45 5.12 15.75
CA SER B 95 21.02 6.46 15.86
C SER B 95 19.90 7.49 15.79
N GLY B 96 20.08 8.57 16.57
CA GLY B 96 19.31 9.78 16.39
C GLY B 96 20.01 10.70 15.42
N TYR B 97 19.37 11.84 15.11
CA TYR B 97 19.90 12.74 14.11
C TYR B 97 19.70 14.19 14.54
N THR B 98 20.58 15.06 14.05
CA THR B 98 20.48 16.50 14.21
C THR B 98 20.60 17.13 12.83
N ILE B 99 19.55 17.81 12.39
CA ILE B 99 19.44 18.33 11.03
C ILE B 99 19.48 19.84 11.09
N HIS B 100 20.37 20.45 10.32
CA HIS B 100 20.56 21.89 10.29
C HIS B 100 20.47 22.34 8.83
N VAL B 101 19.46 23.13 8.52
CA VAL B 101 19.20 23.60 7.17
C VAL B 101 19.58 25.07 7.09
N GLN B 102 20.54 25.38 6.22
CA GLN B 102 20.96 26.75 5.95
C GLN B 102 20.21 27.27 4.73
N CYS B 103 19.68 28.49 4.84
CA CYS B 103 19.07 29.18 3.72
C CYS B 103 19.15 30.67 4.00
N ASN B 104 19.99 31.39 3.26
CA ASN B 104 20.24 32.79 3.53
C ASN B 104 19.72 33.68 2.41
N ALA B 105 19.41 34.92 2.77
CA ALA B 105 18.96 35.94 1.83
C ALA B 105 19.30 37.30 2.44
N SER B 106 18.76 38.36 1.83
CA SER B 106 18.92 39.70 2.35
C SER B 106 17.60 40.18 2.95
N LYS B 107 17.56 41.44 3.36
CA LYS B 107 16.33 42.00 3.91
C LYS B 107 15.34 42.41 2.83
N PHE B 108 15.77 42.42 1.56
CA PHE B 108 14.90 42.75 0.45
C PHE B 108 14.10 41.56 -0.07
N HIS B 109 14.44 40.35 0.36
CA HIS B 109 13.78 39.14 -0.12
C HIS B 109 12.62 38.76 0.79
N GLN B 110 11.66 38.03 0.23
CA GLN B 110 10.52 37.52 0.97
C GLN B 110 10.28 36.06 0.60
N GLY B 111 9.67 35.34 1.52
CA GLY B 111 9.42 33.92 1.33
C GLY B 111 9.51 33.19 2.66
N CYS B 112 8.99 31.97 2.66
CA CYS B 112 8.93 31.19 3.88
C CYS B 112 8.94 29.70 3.55
N LEU B 113 9.81 28.96 4.23
CA LEU B 113 9.94 27.52 4.07
C LEU B 113 9.44 26.80 5.31
N LEU B 114 8.90 25.61 5.12
CA LEU B 114 8.49 24.71 6.19
C LEU B 114 9.38 23.49 6.17
N VAL B 115 10.10 23.26 7.27
CA VAL B 115 11.06 22.16 7.39
C VAL B 115 10.48 21.17 8.40
N VAL B 116 10.05 20.01 7.91
CA VAL B 116 9.46 18.99 8.76
C VAL B 116 10.29 17.71 8.66
N CYS B 117 10.12 16.84 9.67
CA CYS B 117 10.72 15.51 9.71
C CYS B 117 9.58 14.56 10.04
N VAL B 118 9.14 13.79 9.04
CA VAL B 118 7.96 12.93 9.18
C VAL B 118 8.44 11.49 9.34
N PRO B 119 8.22 10.85 10.48
CA PRO B 119 8.53 9.41 10.59
C PRO B 119 7.54 8.57 9.79
N GLU B 120 8.08 7.52 9.17
CA GLU B 120 7.31 6.50 8.43
C GLU B 120 6.49 7.10 7.29
N ALA B 121 7.11 8.02 6.56
CA ALA B 121 6.42 8.71 5.47
C ALA B 121 6.29 7.79 4.26
N GLU B 122 5.28 6.94 4.26
CA GLU B 122 5.05 6.01 3.16
C GLU B 122 4.52 6.77 1.95
N MET B 123 5.22 6.67 0.82
CA MET B 123 4.91 7.44 -0.37
C MET B 123 3.91 6.70 -1.24
N GLY B 124 3.01 7.46 -1.87
CA GLY B 124 2.06 6.89 -2.81
C GLY B 124 2.53 7.06 -4.24
N ALA B 125 2.19 6.08 -5.07
CA ALA B 125 2.63 6.09 -6.46
C ALA B 125 1.80 7.07 -7.29
N ALA B 126 2.39 7.49 -8.42
CA ALA B 126 1.70 8.37 -9.34
C ALA B 126 0.54 7.66 -10.02
N ASN B 127 0.84 6.56 -10.69
CA ASN B 127 -0.21 5.66 -11.15
C ASN B 127 -0.79 4.89 -9.97
N ILE B 128 -1.95 4.28 -10.19
CA ILE B 128 -2.76 3.75 -9.11
C ILE B 128 -2.16 2.48 -8.52
N ASN B 129 -1.75 1.56 -9.39
CA ASN B 129 -1.41 0.22 -8.92
C ASN B 129 -0.01 -0.19 -9.35
N GLU B 130 0.77 0.76 -9.88
CA GLU B 130 2.13 0.43 -10.33
C GLU B 130 3.12 0.49 -9.17
N LYS B 131 4.25 -0.19 -9.36
CA LYS B 131 5.28 -0.29 -8.33
C LYS B 131 6.28 0.85 -8.46
N ILE B 132 6.79 1.30 -7.32
CA ILE B 132 7.72 2.43 -7.27
C ILE B 132 9.14 1.89 -7.24
N ASN B 133 9.99 2.40 -8.13
CA ASN B 133 11.40 2.03 -8.11
C ASN B 133 12.11 2.67 -6.94
N ARG B 134 13.29 2.13 -6.61
CA ARG B 134 14.05 2.59 -5.46
C ARG B 134 14.72 3.94 -5.71
N GLU B 135 14.91 4.33 -6.97
CA GLU B 135 15.59 5.58 -7.28
C GLU B 135 14.65 6.79 -7.20
N HIS B 136 13.33 6.57 -7.18
CA HIS B 136 12.38 7.65 -7.08
C HIS B 136 11.93 7.92 -5.65
N LEU B 137 12.18 7.01 -4.73
CA LEU B 137 11.94 7.25 -3.30
C LEU B 137 13.12 7.98 -2.66
N SER B 138 14.30 7.38 -2.76
CA SER B 138 15.52 7.96 -2.22
C SER B 138 16.57 8.03 -3.33
N ASN B 139 17.55 8.91 -3.16
CA ASN B 139 18.59 9.07 -4.17
C ASN B 139 19.98 9.17 -3.56
N GLY B 140 20.10 9.43 -2.26
CA GLY B 140 21.42 9.70 -1.72
C GLY B 140 21.71 11.18 -1.85
N GLU B 141 22.34 11.54 -2.97
CA GLU B 141 22.52 12.92 -3.40
C GLU B 141 21.22 13.48 -3.97
N VAL B 142 21.31 14.60 -4.71
CA VAL B 142 20.32 15.67 -4.89
C VAL B 142 18.88 15.17 -5.00
N ALA B 143 18.00 15.73 -4.17
CA ALA B 143 16.74 15.12 -3.80
C ALA B 143 15.73 15.20 -4.94
N ASN B 144 14.60 14.52 -4.73
CA ASN B 144 13.49 14.50 -5.67
C ASN B 144 12.57 15.68 -5.40
N THR B 145 12.05 16.28 -6.46
CA THR B 145 11.32 17.53 -6.38
C THR B 145 9.83 17.26 -6.46
N PHE B 146 9.05 17.87 -5.56
CA PHE B 146 7.60 17.87 -5.69
C PHE B 146 7.18 18.58 -6.98
N SER B 147 6.08 18.12 -7.57
CA SER B 147 5.51 18.80 -8.73
C SER B 147 4.43 19.77 -8.26
N GLY B 148 3.78 20.45 -9.20
CA GLY B 148 2.73 21.39 -8.85
C GLY B 148 1.35 20.91 -9.24
N THR B 149 1.30 19.91 -10.12
CA THR B 149 0.03 19.34 -10.57
C THR B 149 0.02 17.84 -10.31
N LYS B 150 -0.98 17.14 -10.85
CA LYS B 150 -1.06 15.69 -10.76
C LYS B 150 0.03 15.07 -11.61
N SER B 151 1.12 14.65 -10.97
CA SER B 151 2.21 14.01 -11.70
C SER B 151 1.84 12.58 -12.08
N SER B 152 2.21 12.21 -13.31
CA SER B 152 1.90 10.87 -13.81
C SER B 152 3.08 10.43 -14.69
N ASN B 153 4.02 9.70 -14.08
CA ASN B 153 5.16 9.13 -14.78
C ASN B 153 5.18 7.63 -14.55
N THR B 154 5.94 6.94 -15.40
CA THR B 154 6.05 5.49 -15.32
C THR B 154 6.88 5.09 -14.11
N ASN B 155 6.24 4.44 -13.14
CA ASN B 155 6.85 3.91 -11.91
C ASN B 155 7.49 5.02 -11.09
N ASP B 156 6.66 5.96 -10.63
CA ASP B 156 7.15 7.15 -9.98
C ASP B 156 6.21 7.52 -8.83
N VAL B 157 6.75 8.26 -7.87
CA VAL B 157 5.99 8.73 -6.71
C VAL B 157 5.01 9.81 -7.15
N GLN B 158 3.81 9.80 -6.58
CA GLN B 158 2.86 10.88 -6.78
C GLN B 158 3.40 12.17 -6.16
N GLN B 159 3.56 13.20 -7.00
CA GLN B 159 4.20 14.45 -6.61
C GLN B 159 3.15 15.56 -6.63
N ALA B 160 2.52 15.79 -5.49
CA ALA B 160 1.54 16.86 -5.33
C ALA B 160 1.82 17.57 -4.02
N VAL B 161 1.91 18.90 -4.06
CA VAL B 161 2.23 19.66 -2.85
C VAL B 161 1.02 19.77 -1.93
N PHE B 162 -0.19 19.62 -2.47
CA PHE B 162 -1.39 19.64 -1.62
C PHE B 162 -1.71 18.28 -1.03
N ASN B 163 -0.87 17.27 -1.28
CA ASN B 163 -0.99 15.98 -0.62
C ASN B 163 0.31 15.46 -0.04
N ALA B 164 1.46 16.05 -0.40
CA ALA B 164 2.79 15.73 0.09
C ALA B 164 3.19 14.28 -0.15
N GLY B 165 2.64 13.65 -1.18
CA GLY B 165 2.99 12.27 -1.51
C GLY B 165 2.43 11.23 -0.56
N MET B 166 1.53 11.60 0.34
CA MET B 166 0.97 10.66 1.30
C MET B 166 -0.55 10.62 1.33
N GLY B 167 -1.23 11.65 0.83
CA GLY B 167 -2.68 11.68 0.86
C GLY B 167 -3.28 12.44 2.01
N VAL B 168 -2.52 13.30 2.69
CA VAL B 168 -3.01 14.10 3.79
C VAL B 168 -2.88 15.57 3.42
N ALA B 169 -3.58 16.43 4.16
CA ALA B 169 -3.48 17.86 3.93
C ALA B 169 -2.12 18.37 4.41
N VAL B 170 -1.47 19.19 3.57
CA VAL B 170 -0.13 19.66 3.88
C VAL B 170 -0.18 20.74 4.96
N GLY B 171 -1.33 21.40 5.13
CA GLY B 171 -1.49 22.33 6.23
C GLY B 171 -1.63 21.67 7.58
N ASN B 172 -2.08 20.42 7.61
CA ASN B 172 -2.21 19.65 8.84
C ASN B 172 -0.98 18.83 9.13
N LEU B 173 0.06 18.95 8.30
CA LEU B 173 1.26 18.14 8.38
C LEU B 173 2.24 18.65 9.44
N THR B 174 1.90 19.74 10.12
CA THR B 174 2.74 20.33 11.16
C THR B 174 2.49 19.72 12.54
N ILE B 175 1.92 18.52 12.60
CA ILE B 175 1.82 17.80 13.87
C ILE B 175 3.16 17.19 14.25
N PHE B 176 4.05 17.03 13.27
CA PHE B 176 5.38 16.48 13.47
C PHE B 176 6.30 17.58 13.99
N PRO B 177 7.49 17.21 14.54
CA PRO B 177 8.48 18.23 14.89
C PRO B 177 8.95 19.04 13.70
N HIS B 178 8.64 20.34 13.71
CA HIS B 178 8.79 21.18 12.53
C HIS B 178 9.35 22.56 12.88
N GLN B 179 9.99 23.20 11.92
CA GLN B 179 10.35 24.61 12.06
C GLN B 179 10.07 25.34 10.76
N TRP B 180 10.23 26.65 10.81
CA TRP B 180 10.00 27.53 9.66
C TRP B 180 11.27 28.32 9.39
N ILE B 181 11.60 28.47 8.11
CA ILE B 181 12.68 29.36 7.69
C ILE B 181 11.98 30.56 7.04
N ASN B 182 11.80 31.62 7.83
CA ASN B 182 11.24 32.87 7.32
C ASN B 182 12.39 33.82 7.06
N LEU B 183 12.48 34.32 5.82
CA LEU B 183 13.58 35.21 5.45
C LEU B 183 13.47 36.60 6.07
N ARG B 184 12.32 36.93 6.66
CA ARG B 184 12.22 38.16 7.44
C ARG B 184 13.04 38.09 8.70
N THR B 185 13.03 36.95 9.39
CA THR B 185 13.66 36.81 10.70
C THR B 185 14.76 35.76 10.74
N ASN B 186 14.56 34.60 10.10
CA ASN B 186 15.42 33.46 10.35
C ASN B 186 16.54 33.35 9.32
N ASN B 187 17.48 32.46 9.60
CA ASN B 187 18.54 32.09 8.68
C ASN B 187 18.74 30.58 8.58
N CYS B 188 18.30 29.80 9.56
CA CYS B 188 18.57 28.37 9.59
C CYS B 188 17.49 27.66 10.39
N ALA B 189 17.46 26.35 10.27
CA ALA B 189 16.48 25.52 11.00
C ALA B 189 17.19 24.31 11.59
N THR B 190 17.00 24.08 12.88
CA THR B 190 17.63 22.98 13.59
C THR B 190 16.56 22.07 14.19
N ILE B 191 16.62 20.79 13.85
CA ILE B 191 15.68 19.79 14.37
C ILE B 191 16.46 18.59 14.87
N VAL B 192 16.24 18.23 16.14
CA VAL B 192 16.85 17.04 16.73
C VAL B 192 15.77 15.95 16.80
N MET B 193 16.04 14.81 16.18
CA MET B 193 15.06 13.72 16.08
C MET B 193 15.63 12.45 16.66
N PRO B 194 15.01 11.86 17.69
CA PRO B 194 15.51 10.59 18.24
C PRO B 194 15.10 9.39 17.40
N TYR B 195 15.42 8.19 17.88
CA TYR B 195 15.07 6.96 17.17
C TYR B 195 13.62 6.60 17.46
N ILE B 196 12.79 6.60 16.42
CA ILE B 196 11.36 6.30 16.53
C ILE B 196 11.08 5.07 15.66
N ASN B 197 10.89 3.93 16.31
CA ASN B 197 10.58 2.67 15.64
C ASN B 197 10.02 1.72 16.68
N SER B 198 9.30 0.70 16.20
CA SER B 198 8.69 -0.29 17.07
C SER B 198 9.65 -1.41 17.48
N VAL B 199 10.87 -1.40 16.97
CA VAL B 199 11.89 -2.38 17.35
C VAL B 199 13.07 -1.60 17.92
N PRO B 200 13.89 -2.19 18.80
CA PRO B 200 15.04 -1.43 19.32
C PRO B 200 16.13 -1.20 18.29
N MET B 201 16.42 -2.18 17.44
CA MET B 201 17.38 -2.01 16.36
C MET B 201 16.78 -2.57 15.08
N ASP B 202 17.03 -1.87 13.97
CA ASP B 202 16.46 -2.23 12.69
C ASP B 202 17.53 -2.08 11.62
N ASN B 203 17.31 -2.73 10.47
CA ASN B 203 18.21 -2.61 9.35
C ASN B 203 18.10 -1.21 8.75
N MET B 204 19.21 -0.75 8.18
CA MET B 204 19.32 0.63 7.72
C MET B 204 19.21 0.79 6.21
N PHE B 205 19.34 -0.27 5.43
CA PHE B 205 19.09 -0.21 3.99
C PHE B 205 17.65 -0.56 3.64
N ARG B 206 17.04 -1.46 4.40
CA ARG B 206 15.67 -1.90 4.11
C ARG B 206 14.61 -0.96 4.66
N HIS B 207 14.85 -0.33 5.80
CA HIS B 207 13.85 0.49 6.48
C HIS B 207 14.21 1.96 6.34
N TYR B 208 13.24 2.77 5.94
CA TYR B 208 13.37 4.23 5.94
C TYR B 208 12.77 4.74 7.25
N ASN B 209 13.59 5.43 8.05
CA ASN B 209 13.14 5.88 9.36
C ASN B 209 12.20 7.08 9.24
N PHE B 210 12.70 8.17 8.67
CA PHE B 210 11.89 9.38 8.55
C PHE B 210 12.27 10.10 7.27
N THR B 211 11.56 11.19 6.99
CA THR B 211 11.70 11.92 5.73
C THR B 211 11.72 13.40 6.04
N LEU B 212 12.78 14.09 5.62
CA LEU B 212 12.81 15.54 5.69
C LEU B 212 12.01 16.12 4.53
N MET B 213 11.26 17.18 4.78
CA MET B 213 10.58 17.88 3.71
C MET B 213 10.73 19.38 3.93
N ILE B 214 11.16 20.09 2.89
CA ILE B 214 11.28 21.53 2.90
C ILE B 214 10.32 22.05 1.83
N ILE B 215 9.19 22.60 2.27
CA ILE B 215 8.14 23.04 1.35
C ILE B 215 7.92 24.55 1.48
N PRO B 216 8.05 25.31 0.40
CA PRO B 216 7.77 26.76 0.47
C PRO B 216 6.27 27.02 0.42
N PHE B 217 5.70 27.48 1.53
CA PHE B 217 4.32 27.93 1.53
C PHE B 217 4.20 29.35 0.98
N ALA B 218 4.98 30.28 1.52
CA ALA B 218 5.12 31.60 0.91
C ALA B 218 6.24 31.51 -0.11
N LYS B 219 5.89 31.72 -1.37
CA LYS B 219 6.83 31.51 -2.46
C LYS B 219 7.91 32.58 -2.48
N LEU B 220 9.03 32.26 -3.13
CA LEU B 220 10.14 33.18 -3.23
C LEU B 220 9.81 34.29 -4.23
N ASP B 221 10.09 35.53 -3.84
CA ASP B 221 9.75 36.69 -4.65
C ASP B 221 10.69 37.82 -4.29
N TYR B 222 11.14 38.56 -5.30
CA TYR B 222 12.14 39.60 -5.10
C TYR B 222 12.07 40.60 -6.25
N ALA B 223 12.93 41.61 -6.18
CA ALA B 223 12.91 42.74 -7.10
C ALA B 223 13.57 42.43 -8.43
N ALA B 224 13.86 43.47 -9.21
CA ALA B 224 14.50 43.35 -10.51
C ALA B 224 15.99 43.67 -10.41
N GLY B 225 16.48 43.74 -9.18
CA GLY B 225 17.89 44.06 -8.96
C GLY B 225 18.54 43.28 -7.85
N SER B 226 17.79 42.37 -7.23
CA SER B 226 18.33 41.58 -6.13
C SER B 226 19.06 40.35 -6.64
N SER B 227 19.64 39.60 -5.71
CA SER B 227 20.34 38.37 -6.05
C SER B 227 19.33 37.29 -6.43
N THR B 228 19.67 36.53 -7.47
CA THR B 228 18.74 35.55 -8.04
C THR B 228 18.95 34.14 -7.53
N TYR B 229 20.16 33.76 -7.16
CA TYR B 229 20.50 32.39 -6.76
C TYR B 229 20.48 32.31 -5.24
N ILE B 230 19.46 31.64 -4.70
CA ILE B 230 19.35 31.42 -3.26
C ILE B 230 19.44 29.92 -3.01
N PRO B 231 20.57 29.41 -2.53
CA PRO B 231 20.71 27.97 -2.28
C PRO B 231 20.18 27.55 -0.91
N ILE B 232 19.84 26.27 -0.83
CA ILE B 232 19.40 25.63 0.41
C ILE B 232 20.34 24.47 0.68
N THR B 233 20.99 24.46 1.84
CA THR B 233 21.97 23.45 2.19
C THR B 233 21.48 22.69 3.41
N VAL B 234 21.63 21.37 3.39
CA VAL B 234 21.20 20.50 4.48
C VAL B 234 22.43 19.83 5.06
N THR B 235 22.66 19.99 6.36
CA THR B 235 23.78 19.39 7.06
C THR B 235 23.24 18.53 8.20
N VAL B 236 23.56 17.25 8.18
CA VAL B 236 22.96 16.30 9.11
C VAL B 236 24.06 15.58 9.89
N ALA B 237 23.81 15.36 11.17
CA ALA B 237 24.78 14.66 12.01
C ALA B 237 24.11 13.55 12.79
N PRO B 238 24.57 12.30 12.66
CA PRO B 238 24.08 11.24 13.53
C PRO B 238 24.56 11.44 14.96
N MET B 239 23.79 10.89 15.90
CA MET B 239 24.06 11.02 17.32
C MET B 239 23.73 9.70 18.01
N CYS B 240 24.63 9.29 18.92
CA CYS B 240 24.52 8.05 19.71
C CYS B 240 24.36 6.82 18.82
N ALA B 241 25.13 6.77 17.73
CA ALA B 241 25.03 5.70 16.77
C ALA B 241 25.68 4.42 17.31
N GLU B 242 25.00 3.29 17.11
CA GLU B 242 25.53 2.00 17.49
C GLU B 242 25.08 0.97 16.46
N TYR B 243 25.85 -0.10 16.36
CA TYR B 243 25.69 -1.10 15.32
C TYR B 243 25.77 -2.50 15.91
N ASN B 244 25.28 -3.48 15.16
CA ASN B 244 25.21 -4.84 15.66
C ASN B 244 25.14 -5.79 14.46
N GLY B 245 25.58 -7.03 14.67
CA GLY B 245 25.58 -8.03 13.62
C GLY B 245 26.60 -7.81 12.53
N LEU B 246 27.88 -7.96 12.88
CA LEU B 246 28.96 -7.76 11.92
C LEU B 246 29.05 -8.92 10.95
N ARG B 247 29.12 -8.61 9.66
CA ARG B 247 29.24 -9.60 8.59
C ARG B 247 29.90 -8.92 7.39
N LEU B 248 29.88 -9.57 6.24
CA LEU B 248 30.48 -9.03 5.03
C LEU B 248 29.69 -7.83 4.50
N ALA B 249 30.19 -7.25 3.41
CA ALA B 249 29.63 -6.01 2.87
C ALA B 249 28.24 -6.23 2.29
N GLY B 250 27.32 -5.32 2.62
CA GLY B 250 25.93 -5.46 2.27
C GLY B 250 25.60 -4.98 0.87
N HIS B 251 24.34 -4.63 0.68
CA HIS B 251 23.82 -4.25 -0.63
C HIS B 251 23.85 -2.72 -0.75
N GLN B 252 24.52 -2.22 -1.78
CA GLN B 252 24.57 -0.79 -2.03
C GLN B 252 23.25 -0.29 -2.60
N GLY C 1 -29.77 -25.63 41.45
CA GLY C 1 -28.85 -24.52 41.25
C GLY C 1 -29.39 -23.20 41.75
N LEU C 2 -28.87 -22.11 41.20
CA LEU C 2 -29.27 -20.78 41.61
C LEU C 2 -30.46 -20.29 40.77
N PRO C 3 -31.53 -19.81 41.42
CA PRO C 3 -32.65 -19.23 40.66
C PRO C 3 -32.26 -17.91 40.03
N VAL C 4 -32.12 -17.91 38.70
CA VAL C 4 -31.68 -16.74 37.95
C VAL C 4 -32.80 -16.31 37.03
N MET C 5 -33.24 -15.06 37.17
CA MET C 5 -34.27 -14.47 36.32
C MET C 5 -33.59 -13.61 35.27
N ASN C 6 -33.86 -13.90 34.00
CA ASN C 6 -33.25 -13.17 32.90
C ASN C 6 -33.94 -11.82 32.73
N THR C 7 -33.15 -10.76 32.61
CA THR C 7 -33.61 -9.40 32.46
C THR C 7 -33.84 -9.08 30.99
N PRO C 8 -34.74 -8.12 30.69
CA PRO C 8 -34.87 -7.67 29.30
C PRO C 8 -33.61 -6.96 28.82
N GLY C 9 -33.23 -7.25 27.59
CA GLY C 9 -31.97 -6.78 27.04
C GLY C 9 -30.87 -7.81 26.99
N SER C 10 -31.19 -9.09 27.21
CA SER C 10 -30.21 -10.15 27.14
C SER C 10 -30.12 -10.71 25.72
N ASN C 11 -29.00 -11.41 25.46
CA ASN C 11 -28.72 -12.09 24.18
C ASN C 11 -28.71 -11.12 23.00
N GLN C 12 -28.22 -9.91 23.23
CA GLN C 12 -28.11 -8.90 22.19
C GLN C 12 -26.64 -8.55 21.97
N PHE C 13 -26.40 -7.66 21.01
CA PHE C 13 -25.07 -7.15 20.71
C PHE C 13 -25.13 -5.63 20.62
N LEU C 14 -24.76 -4.96 21.71
CA LEU C 14 -24.56 -3.52 21.70
C LEU C 14 -23.13 -3.22 21.27
N THR C 15 -22.94 -2.08 20.62
CA THR C 15 -21.63 -1.74 20.06
C THR C 15 -20.63 -1.38 21.15
N SER C 16 -21.02 -0.47 22.05
CA SER C 16 -20.13 -0.02 23.12
C SER C 16 -20.40 -0.81 24.40
N ASP C 17 -19.89 -2.05 24.40
CA ASP C 17 -19.99 -2.90 25.57
C ASP C 17 -18.79 -2.71 26.49
N ASP C 18 -18.91 -3.28 27.70
CA ASP C 18 -17.83 -3.28 28.66
C ASP C 18 -17.74 -4.64 29.33
N TYR C 19 -18.24 -5.67 28.66
CA TYR C 19 -18.30 -7.01 29.22
C TYR C 19 -16.96 -7.73 29.06
N GLN C 20 -16.85 -8.89 29.69
CA GLN C 20 -15.68 -9.73 29.58
C GLN C 20 -15.93 -10.86 28.58
N SER C 21 -14.84 -11.49 28.14
CA SER C 21 -14.91 -12.54 27.13
C SER C 21 -13.68 -13.42 27.28
N PRO C 22 -13.80 -14.73 27.01
CA PRO C 22 -12.65 -15.63 27.18
C PRO C 22 -11.61 -15.40 26.10
N THR C 23 -10.40 -15.90 26.39
CA THR C 23 -9.24 -15.69 25.52
C THR C 23 -9.02 -16.93 24.66
N ALA C 24 -8.93 -16.72 23.34
CA ALA C 24 -8.70 -17.80 22.39
C ALA C 24 -7.28 -18.32 22.41
N MET C 25 -6.33 -17.57 22.97
CA MET C 25 -4.94 -17.99 23.10
C MET C 25 -4.58 -17.99 24.59
N PRO C 26 -4.87 -19.09 25.30
CA PRO C 26 -4.64 -19.09 26.75
C PRO C 26 -3.16 -19.14 27.10
N GLN C 27 -2.80 -18.35 28.12
CA GLN C 27 -1.44 -18.22 28.66
C GLN C 27 -0.44 -17.79 27.57
N PHE C 28 -0.84 -16.81 26.77
CA PHE C 28 0.01 -16.32 25.70
C PHE C 28 1.04 -15.35 26.25
N ASP C 29 2.27 -15.45 25.76
CA ASP C 29 3.38 -14.63 26.24
C ASP C 29 3.45 -13.36 25.40
N VAL C 30 3.06 -12.24 26.00
CA VAL C 30 3.12 -10.95 25.31
C VAL C 30 4.55 -10.42 25.38
N THR C 31 5.04 -9.89 24.25
CA THR C 31 6.35 -9.28 24.19
C THR C 31 6.40 -8.03 25.08
N PRO C 32 7.55 -7.75 25.71
CA PRO C 32 7.62 -6.62 26.63
C PRO C 32 7.51 -5.27 25.95
N GLU C 33 7.19 -4.26 26.74
CA GLU C 33 6.93 -2.92 26.24
C GLU C 33 8.22 -2.12 26.16
N MET C 34 8.36 -1.34 25.08
CA MET C 34 9.53 -0.50 24.84
C MET C 34 9.09 0.96 24.83
N ASN C 35 9.90 1.82 25.43
CA ASN C 35 9.59 3.24 25.57
C ASN C 35 9.77 3.91 24.21
N ILE C 36 8.67 4.10 23.51
CA ILE C 36 8.65 4.80 22.22
C ILE C 36 8.31 6.26 22.49
N PRO C 37 9.09 7.21 21.96
CA PRO C 37 8.79 8.62 22.20
C PRO C 37 7.56 9.09 21.43
N GLY C 38 6.83 10.02 22.05
CA GLY C 38 5.64 10.57 21.45
C GLY C 38 4.38 9.79 21.78
N GLU C 39 4.13 9.58 23.07
CA GLU C 39 2.99 8.81 23.52
C GLU C 39 1.75 9.69 23.58
N VAL C 40 0.62 9.18 23.09
CA VAL C 40 -0.64 9.90 23.09
C VAL C 40 -1.62 9.18 24.00
N LYS C 41 -2.10 9.89 25.02
CA LYS C 41 -3.14 9.36 25.91
C LYS C 41 -4.46 10.08 25.76
N ASN C 42 -4.55 11.06 24.85
CA ASN C 42 -5.74 11.88 24.67
C ASN C 42 -5.63 12.54 23.31
N LEU C 43 -6.74 12.55 22.56
CA LEU C 43 -6.77 13.23 21.26
C LEU C 43 -6.72 14.74 21.38
N MET C 44 -6.91 15.29 22.58
CA MET C 44 -6.75 16.72 22.84
C MET C 44 -5.29 17.16 22.80
N GLU C 45 -4.34 16.23 22.83
CA GLU C 45 -2.94 16.57 22.62
C GLU C 45 -2.63 16.89 21.16
N ILE C 46 -3.51 16.49 20.25
CA ILE C 46 -3.33 16.76 18.83
C ILE C 46 -4.03 18.05 18.43
N ALA C 47 -5.22 18.28 18.96
CA ALA C 47 -6.05 19.43 18.59
C ALA C 47 -5.53 20.75 19.13
N GLU C 48 -4.60 20.75 20.07
CA GLU C 48 -4.01 21.97 20.60
C GLU C 48 -2.75 22.38 19.86
N VAL C 49 -2.45 21.76 18.72
CA VAL C 49 -1.23 22.02 17.96
C VAL C 49 -1.59 22.85 16.75
N ASP C 50 -0.74 23.83 16.43
CA ASP C 50 -0.98 24.72 15.29
C ASP C 50 -0.91 23.96 13.97
N SER C 51 -1.79 24.37 13.05
CA SER C 51 -1.85 23.79 11.72
C SER C 51 -2.37 24.86 10.78
N VAL C 52 -1.85 24.87 9.55
CA VAL C 52 -2.06 25.98 8.63
C VAL C 52 -3.49 25.92 8.09
N VAL C 53 -4.19 27.05 8.16
CA VAL C 53 -5.60 27.12 7.79
C VAL C 53 -5.73 27.47 6.31
N PRO C 54 -6.43 26.66 5.50
CA PRO C 54 -6.67 27.04 4.10
C PRO C 54 -7.73 28.13 3.97
N VAL C 55 -7.30 29.38 4.17
CA VAL C 55 -8.22 30.50 4.12
C VAL C 55 -8.58 30.82 2.67
N ASN C 56 -7.60 30.76 1.76
CA ASN C 56 -7.82 31.13 0.36
C ASN C 56 -8.59 30.02 -0.37
N ASN C 57 -9.90 29.98 -0.09
CA ASN C 57 -10.78 28.99 -0.69
C ASN C 57 -11.46 29.49 -1.95
N VAL C 58 -10.82 30.38 -2.70
CA VAL C 58 -11.30 30.74 -4.03
C VAL C 58 -11.06 29.55 -4.94
N ASN C 59 -12.01 29.32 -5.87
CA ASN C 59 -11.90 28.22 -6.83
C ASN C 59 -10.67 28.38 -7.73
N GLU C 60 -10.16 27.23 -8.19
CA GLU C 60 -8.94 26.95 -8.96
C GLU C 60 -7.68 27.10 -8.06
N ASN C 61 -7.81 27.61 -6.85
CA ASN C 61 -6.69 27.69 -5.92
C ASN C 61 -6.70 26.57 -4.89
N VAL C 62 -7.77 25.77 -4.84
CA VAL C 62 -7.84 24.64 -3.92
C VAL C 62 -6.91 23.53 -4.39
N ASN C 63 -6.88 23.26 -5.69
CA ASN C 63 -6.02 22.23 -6.25
C ASN C 63 -4.61 22.77 -6.53
N SER C 64 -4.02 23.40 -5.53
CA SER C 64 -2.69 24.01 -5.61
C SER C 64 -2.19 24.22 -4.19
N LEU C 65 -1.12 24.98 -4.05
CA LEU C 65 -0.61 25.39 -2.75
C LEU C 65 -1.06 26.79 -2.37
N GLU C 66 -1.70 27.51 -3.29
CA GLU C 66 -2.19 28.87 -3.10
C GLU C 66 -3.32 28.96 -2.07
N ALA C 67 -3.96 27.83 -1.73
CA ALA C 67 -5.09 27.84 -0.82
C ALA C 67 -4.70 28.23 0.61
N TYR C 68 -3.43 28.11 0.96
CA TYR C 68 -2.98 28.48 2.29
C TYR C 68 -2.40 29.89 2.36
N ARG C 69 -2.04 30.48 1.22
CA ARG C 69 -1.51 31.84 1.18
C ARG C 69 -2.64 32.83 1.34
N ILE C 70 -2.51 33.77 2.27
CA ILE C 70 -3.42 34.90 2.36
C ILE C 70 -2.75 36.10 1.68
N PRO C 71 -3.24 36.55 0.52
CA PRO C 71 -2.58 37.66 -0.17
C PRO C 71 -2.85 38.99 0.53
N VAL C 72 -1.83 39.84 0.55
CA VAL C 72 -1.98 41.18 1.11
C VAL C 72 -1.04 42.10 0.35
N HIS C 73 -1.41 43.38 0.23
CA HIS C 73 -0.64 44.35 -0.52
C HIS C 73 -0.90 45.73 0.06
N SER C 74 -0.37 46.76 -0.59
CA SER C 74 -0.59 48.14 -0.19
C SER C 74 -1.85 48.65 -0.86
N VAL C 75 -2.76 49.21 -0.07
CA VAL C 75 -4.07 49.62 -0.54
C VAL C 75 -4.12 51.15 -0.56
N THR C 76 -4.70 51.71 -1.64
CA THR C 76 -4.89 53.15 -1.71
C THR C 76 -5.96 53.65 -0.75
N GLU C 77 -6.83 52.77 -0.25
CA GLU C 77 -7.76 53.10 0.81
C GLU C 77 -7.11 52.62 2.11
N THR C 78 -7.65 53.00 3.27
CA THR C 78 -7.01 52.64 4.54
C THR C 78 -7.94 51.83 5.42
N GLY C 79 -9.13 51.51 4.94
CA GLY C 79 -10.09 50.77 5.74
C GLY C 79 -10.72 49.58 5.04
N ALA C 80 -9.96 48.88 4.20
CA ALA C 80 -10.51 47.78 3.43
C ALA C 80 -10.46 46.49 4.26
N GLN C 81 -10.99 45.40 3.73
CA GLN C 81 -11.05 44.11 4.42
C GLN C 81 -10.05 43.16 3.80
N VAL C 82 -9.30 42.44 4.63
CA VAL C 82 -8.36 41.45 4.13
C VAL C 82 -9.08 40.14 3.82
N PHE C 83 -9.69 39.53 4.84
CA PHE C 83 -10.48 38.31 4.65
C PHE C 83 -11.59 38.29 5.70
N GLY C 84 -12.29 37.16 5.78
CA GLY C 84 -13.34 36.96 6.76
C GLY C 84 -14.05 35.64 6.56
N PHE C 85 -14.45 35.00 7.66
CA PHE C 85 -15.09 33.69 7.58
C PHE C 85 -15.87 33.42 8.86
N THR C 86 -16.86 32.54 8.75
CA THR C 86 -17.66 32.16 9.90
C THR C 86 -16.85 31.26 10.84
N LEU C 87 -17.18 31.30 12.12
CA LEU C 87 -16.47 30.54 13.13
C LEU C 87 -17.23 29.23 13.34
N GLN C 88 -16.93 28.26 12.49
CA GLN C 88 -17.56 26.94 12.54
C GLN C 88 -16.51 25.87 12.31
N PRO C 89 -15.83 25.41 13.37
CA PRO C 89 -14.82 24.36 13.21
C PRO C 89 -15.41 22.99 12.94
N GLY C 90 -15.84 22.75 11.71
CA GLY C 90 -16.44 21.48 11.36
C GLY C 90 -17.58 21.63 10.38
N ALA C 91 -18.14 22.83 10.30
CA ALA C 91 -19.21 23.14 9.36
C ALA C 91 -18.80 24.14 8.29
N ASP C 92 -18.01 25.15 8.63
CA ASP C 92 -17.47 26.05 7.63
C ASP C 92 -16.39 25.33 6.83
N THR C 93 -16.33 25.64 5.53
CA THR C 93 -15.39 24.96 4.65
C THR C 93 -13.98 25.52 4.74
N VAL C 94 -13.77 26.59 5.52
CA VAL C 94 -12.43 27.15 5.69
C VAL C 94 -11.58 26.22 6.56
N MET C 95 -12.01 25.97 7.79
CA MET C 95 -11.32 25.06 8.70
C MET C 95 -12.00 23.70 8.76
N GLU C 96 -12.55 23.24 7.63
CA GLU C 96 -13.21 21.94 7.58
C GLU C 96 -12.21 20.79 7.60
N ARG C 97 -11.29 20.79 6.64
CA ARG C 97 -10.27 19.74 6.54
C ARG C 97 -9.01 20.07 7.31
N THR C 98 -9.08 21.02 8.23
CA THR C 98 -7.97 21.36 9.10
C THR C 98 -7.96 20.38 10.28
N LEU C 99 -6.81 20.27 10.95
CA LEU C 99 -6.57 19.23 11.96
C LEU C 99 -7.54 19.36 13.14
N LEU C 100 -7.82 20.59 13.57
CA LEU C 100 -8.86 20.81 14.56
C LEU C 100 -10.24 20.41 14.02
N GLY C 101 -10.52 20.76 12.77
CA GLY C 101 -11.77 20.32 12.16
C GLY C 101 -11.78 18.82 11.89
N GLU C 102 -10.62 18.24 11.62
CA GLU C 102 -10.54 16.79 11.44
C GLU C 102 -10.77 16.04 12.74
N ILE C 103 -10.42 16.65 13.87
CA ILE C 103 -10.80 16.06 15.16
C ILE C 103 -12.29 16.26 15.40
N LEU C 104 -12.78 17.49 15.23
CA LEU C 104 -14.16 17.84 15.57
C LEU C 104 -15.19 17.31 14.58
N ASN C 105 -14.78 16.68 13.48
CA ASN C 105 -15.78 16.02 12.64
C ASN C 105 -16.18 14.66 13.17
N TYR C 106 -15.42 14.11 14.12
CA TYR C 106 -15.80 12.90 14.83
C TYR C 106 -16.55 13.20 16.13
N TYR C 107 -16.84 14.47 16.41
CA TYR C 107 -17.47 14.86 17.65
C TYR C 107 -18.62 15.82 17.37
N ALA C 108 -19.82 15.46 17.83
CA ALA C 108 -21.00 16.26 17.52
C ALA C 108 -21.00 17.59 18.29
N ASN C 109 -20.60 17.56 19.56
CA ASN C 109 -20.60 18.75 20.39
C ASN C 109 -19.16 19.18 20.69
N TRP C 110 -18.98 20.48 20.87
CA TRP C 110 -17.68 21.03 21.24
C TRP C 110 -17.88 22.29 22.06
N SER C 111 -16.87 22.61 22.87
CA SER C 111 -16.91 23.79 23.73
C SER C 111 -15.48 24.17 24.09
N GLY C 112 -15.22 25.46 24.15
CA GLY C 112 -13.92 25.99 24.52
C GLY C 112 -13.49 27.15 23.63
N SER C 113 -12.34 27.71 23.98
CA SER C 113 -11.78 28.87 23.30
C SER C 113 -10.81 28.45 22.22
N ILE C 114 -10.62 29.32 21.22
CA ILE C 114 -9.88 28.99 20.01
C ILE C 114 -8.74 30.00 19.85
N LYS C 115 -7.56 29.51 19.48
CA LYS C 115 -6.42 30.36 19.16
C LYS C 115 -6.21 30.40 17.65
N LEU C 116 -5.79 31.58 17.16
CA LEU C 116 -5.54 31.79 15.73
C LEU C 116 -4.22 32.53 15.61
N THR C 117 -3.17 31.83 15.19
CA THR C 117 -1.85 32.44 15.05
C THR C 117 -1.67 32.93 13.62
N PHE C 118 -1.34 34.22 13.48
CA PHE C 118 -1.20 34.88 12.18
C PHE C 118 0.26 35.30 12.03
N MET C 119 1.00 34.65 11.13
CA MET C 119 2.36 35.05 10.87
C MET C 119 2.45 35.79 9.54
N TYR C 120 3.39 36.73 9.45
CA TYR C 120 3.58 37.56 8.27
C TYR C 120 4.84 37.12 7.55
N CYS C 121 4.72 36.87 6.26
CA CYS C 121 5.81 36.30 5.45
C CYS C 121 6.21 37.23 4.33
N GLY C 122 6.35 38.52 4.63
CA GLY C 122 6.80 39.50 3.67
C GLY C 122 8.29 39.79 3.81
N SER C 123 8.70 40.90 3.21
CA SER C 123 10.09 41.33 3.29
C SER C 123 10.41 41.86 4.70
N ALA C 124 11.70 41.96 5.00
CA ALA C 124 12.13 42.36 6.33
C ALA C 124 12.00 43.85 6.59
N MET C 125 11.77 44.66 5.55
CA MET C 125 11.61 46.10 5.73
C MET C 125 10.18 46.57 5.51
N ALA C 126 9.25 45.67 5.22
CA ALA C 126 7.85 46.03 5.11
C ALA C 126 7.21 46.10 6.49
N THR C 127 6.27 47.03 6.65
CA THR C 127 5.61 47.22 7.92
C THR C 127 4.16 47.57 7.69
N GLY C 128 3.37 47.46 8.75
CA GLY C 128 1.94 47.77 8.66
C GLY C 128 1.23 47.29 9.90
N LYS C 129 -0.06 47.63 9.95
CA LYS C 129 -0.92 47.29 11.07
C LYS C 129 -2.21 46.65 10.55
N PHE C 130 -2.76 45.74 11.35
CA PHE C 130 -4.00 45.06 11.01
C PHE C 130 -4.93 45.05 12.22
N LEU C 131 -6.22 44.82 11.94
CA LEU C 131 -7.26 44.74 12.96
C LEU C 131 -7.87 43.35 12.84
N LEU C 132 -7.57 42.49 13.82
CA LEU C 132 -8.12 41.15 13.86
C LEU C 132 -9.30 41.13 14.82
N ALA C 133 -10.51 40.89 14.30
CA ALA C 133 -11.70 41.05 15.11
C ALA C 133 -12.50 39.75 15.14
N TYR C 134 -13.40 39.69 16.12
CA TYR C 134 -14.35 38.59 16.28
C TYR C 134 -15.66 39.19 16.72
N SER C 135 -16.74 38.82 16.05
CA SER C 135 -18.05 39.37 16.33
C SER C 135 -18.98 38.28 16.85
N PRO C 136 -19.58 38.46 18.04
CA PRO C 136 -20.59 37.51 18.51
C PRO C 136 -21.85 37.61 17.66
N PRO C 137 -22.66 36.56 17.60
CA PRO C 137 -23.88 36.59 16.78
C PRO C 137 -24.96 37.43 17.43
N GLY C 138 -26.06 37.58 16.70
CA GLY C 138 -27.14 38.47 17.10
C GLY C 138 -27.33 39.54 16.05
N ALA C 139 -26.22 40.00 15.47
CA ALA C 139 -26.23 40.92 14.35
C ALA C 139 -25.55 40.26 13.15
N GLY C 140 -25.55 40.98 12.03
CA GLY C 140 -24.97 40.47 10.81
C GLY C 140 -23.46 40.65 10.77
N VAL C 141 -22.89 40.34 9.61
CA VAL C 141 -21.45 40.54 9.39
C VAL C 141 -21.17 42.03 9.26
N PRO C 142 -20.20 42.57 9.98
CA PRO C 142 -19.92 44.01 9.86
C PRO C 142 -19.29 44.36 8.52
N LYS C 143 -19.76 45.47 7.95
CA LYS C 143 -19.34 45.90 6.63
C LYS C 143 -18.33 47.04 6.63
N ASN C 144 -18.19 47.77 7.74
CA ASN C 144 -17.22 48.84 7.83
C ASN C 144 -16.09 48.42 8.76
N ARG C 145 -15.16 49.34 9.05
CA ARG C 145 -14.14 49.07 10.05
C ARG C 145 -14.59 49.47 11.44
N ARG C 146 -15.46 50.49 11.55
CA ARG C 146 -15.98 50.87 12.86
C ARG C 146 -17.00 49.87 13.38
N GLU C 147 -17.71 49.18 12.48
CA GLU C 147 -18.67 48.18 12.92
C GLU C 147 -17.96 46.90 13.37
N ALA C 148 -16.73 46.68 12.92
CA ALA C 148 -15.97 45.51 13.31
C ALA C 148 -15.18 45.70 14.60
N MET C 149 -14.85 46.94 14.97
CA MET C 149 -14.11 47.20 16.19
C MET C 149 -15.03 47.35 17.41
N LEU C 150 -16.33 47.15 17.24
CA LEU C 150 -17.25 47.11 18.38
C LEU C 150 -17.33 45.74 19.04
N GLY C 151 -16.65 44.74 18.47
CA GLY C 151 -16.65 43.41 19.04
C GLY C 151 -15.38 43.15 19.83
N THR C 152 -14.82 41.95 19.70
CA THR C 152 -13.59 41.58 20.38
C THR C 152 -12.45 41.62 19.38
N HIS C 153 -11.63 42.68 19.43
CA HIS C 153 -10.65 42.91 18.39
C HIS C 153 -9.28 43.15 19.00
N ILE C 154 -8.26 43.08 18.16
CA ILE C 154 -6.89 43.38 18.53
C ILE C 154 -6.24 44.11 17.36
N ILE C 155 -5.40 45.09 17.66
CA ILE C 155 -4.66 45.85 16.65
C ILE C 155 -3.22 45.38 16.70
N TRP C 156 -2.78 44.73 15.63
CA TRP C 156 -1.45 44.12 15.58
C TRP C 156 -0.53 44.92 14.67
N ASP C 157 0.65 45.25 15.19
CA ASP C 157 1.70 45.92 14.44
C ASP C 157 2.74 44.90 14.00
N ILE C 158 3.25 45.07 12.78
CA ILE C 158 4.25 44.17 12.23
C ILE C 158 5.64 44.72 12.56
N GLY C 159 6.46 43.91 13.21
CA GLY C 159 7.80 44.31 13.57
C GLY C 159 8.77 43.14 13.57
N LEU C 160 9.61 43.05 14.61
CA LEU C 160 10.51 41.91 14.73
C LEU C 160 9.74 40.64 15.09
N GLN C 161 8.69 40.75 15.90
CA GLN C 161 7.81 39.63 16.19
C GLN C 161 6.83 39.46 15.04
N SER C 162 6.96 38.37 14.29
CA SER C 162 6.19 38.23 13.06
C SER C 162 4.83 37.56 13.27
N SER C 163 4.59 36.99 14.45
CA SER C 163 3.35 36.26 14.70
C SER C 163 2.43 37.08 15.60
N CYS C 164 1.16 36.69 15.61
CA CYS C 164 0.15 37.32 16.46
C CYS C 164 -0.95 36.31 16.71
N VAL C 165 -1.39 36.21 17.96
CA VAL C 165 -2.38 35.22 18.37
C VAL C 165 -3.68 35.95 18.70
N LEU C 166 -4.68 35.77 17.86
CA LEU C 166 -6.05 36.17 18.16
C LEU C 166 -6.71 35.07 18.97
N CYS C 167 -7.11 35.37 20.20
CA CYS C 167 -7.65 34.37 21.11
C CYS C 167 -9.16 34.60 21.24
N VAL C 168 -9.93 33.84 20.46
CA VAL C 168 -11.39 33.91 20.48
C VAL C 168 -11.90 33.21 21.74
N PRO C 169 -12.57 33.92 22.63
CA PRO C 169 -13.03 33.32 23.88
C PRO C 169 -14.33 32.54 23.69
N TRP C 170 -14.86 32.07 24.81
CA TRP C 170 -16.11 31.31 24.83
C TRP C 170 -17.22 32.23 25.32
N ILE C 171 -17.95 32.82 24.39
CA ILE C 171 -19.12 33.64 24.68
C ILE C 171 -20.33 32.89 24.14
N SER C 172 -21.12 32.29 25.02
CA SER C 172 -22.26 31.48 24.63
C SER C 172 -23.31 31.53 25.73
N GLN C 173 -24.49 30.99 25.41
CA GLN C 173 -25.55 30.82 26.41
C GLN C 173 -25.73 29.37 26.84
N THR C 174 -25.21 28.41 26.07
CA THR C 174 -25.24 27.00 26.43
C THR C 174 -23.83 26.51 26.74
N HIS C 175 -23.76 25.37 27.43
CA HIS C 175 -22.46 24.81 27.79
C HIS C 175 -21.76 24.15 26.61
N TYR C 176 -22.50 23.84 25.53
CA TYR C 176 -21.93 23.19 24.36
C TYR C 176 -22.54 23.78 23.10
N ARG C 177 -21.89 23.51 21.97
CA ARG C 177 -22.37 23.93 20.66
C ARG C 177 -22.27 22.76 19.69
N PHE C 178 -23.27 22.65 18.82
CA PHE C 178 -23.26 21.60 17.81
C PHE C 178 -22.23 21.94 16.74
N VAL C 179 -21.53 20.90 16.25
CA VAL C 179 -20.52 21.12 15.22
C VAL C 179 -21.15 21.33 13.85
N SER C 180 -22.40 20.91 13.67
CA SER C 180 -23.10 21.08 12.40
C SER C 180 -23.78 22.45 12.38
N LYS C 181 -24.03 22.95 11.16
CA LYS C 181 -24.62 24.27 11.01
C LYS C 181 -26.10 24.26 11.38
N ASP C 182 -26.45 24.92 12.48
CA ASP C 182 -27.83 25.09 12.90
C ASP C 182 -28.07 26.55 13.29
N ILE C 183 -29.33 26.87 13.59
CA ILE C 183 -29.70 28.24 13.92
C ILE C 183 -29.47 28.56 15.39
N TYR C 184 -29.68 27.59 16.28
CA TYR C 184 -29.68 27.85 17.72
C TYR C 184 -28.28 28.11 18.26
N THR C 185 -27.31 27.28 17.88
CA THR C 185 -25.95 27.41 18.40
C THR C 185 -25.06 28.16 17.41
N ASP C 186 -25.37 29.43 17.20
CA ASP C 186 -24.54 30.29 16.37
C ASP C 186 -23.33 30.74 17.19
N ALA C 187 -22.23 31.03 16.49
CA ALA C 187 -20.95 31.22 17.17
C ALA C 187 -20.35 32.61 16.99
N GLY C 188 -20.31 33.15 15.77
CA GLY C 188 -19.71 34.44 15.53
C GLY C 188 -19.01 34.47 14.20
N PHE C 189 -18.23 35.53 13.99
CA PHE C 189 -17.55 35.75 12.72
C PHE C 189 -16.12 36.24 12.97
N ILE C 190 -15.19 35.76 12.14
CA ILE C 190 -13.80 36.20 12.14
C ILE C 190 -13.61 37.18 10.99
N THR C 191 -13.14 38.39 11.31
CA THR C 191 -12.88 39.41 10.31
C THR C 191 -11.47 39.95 10.48
N CYS C 192 -10.90 40.44 9.38
CA CYS C 192 -9.58 41.06 9.39
C CYS C 192 -9.64 42.30 8.51
N TRP C 193 -9.18 43.42 9.05
CA TRP C 193 -9.32 44.71 8.39
C TRP C 193 -7.98 45.42 8.35
N TYR C 194 -7.78 46.24 7.32
CA TYR C 194 -6.59 47.07 7.22
C TYR C 194 -6.68 48.19 8.25
N GLN C 195 -5.81 48.15 9.26
CA GLN C 195 -5.70 49.26 10.18
C GLN C 195 -5.02 50.43 9.47
N THR C 196 -3.79 50.20 9.02
CA THR C 196 -3.07 51.10 8.12
C THR C 196 -2.71 50.34 6.85
N SER C 197 -2.01 51.00 5.94
CA SER C 197 -1.55 50.38 4.71
C SER C 197 -0.20 49.71 4.96
N ILE C 198 0.39 49.14 3.91
CA ILE C 198 1.72 48.53 3.99
C ILE C 198 2.70 49.48 3.32
N VAL C 199 3.60 50.06 4.12
CA VAL C 199 4.61 50.98 3.64
C VAL C 199 5.82 50.18 3.18
N VAL C 200 6.20 50.36 1.92
CA VAL C 200 7.27 49.58 1.31
C VAL C 200 8.32 50.55 0.75
N PRO C 201 9.61 50.29 0.95
CA PRO C 201 10.64 51.15 0.34
C PRO C 201 10.85 50.81 -1.13
N ALA C 202 11.77 51.54 -1.75
CA ALA C 202 12.06 51.35 -3.17
C ALA C 202 12.82 50.05 -3.39
N GLU C 203 12.63 49.48 -4.59
CA GLU C 203 13.23 48.21 -5.03
C GLU C 203 12.87 47.04 -4.12
N VAL C 204 11.70 47.09 -3.49
CA VAL C 204 11.17 46.01 -2.66
C VAL C 204 9.75 45.73 -3.15
N GLN C 205 9.43 44.44 -3.32
CA GLN C 205 8.12 44.07 -3.83
C GLN C 205 7.03 44.34 -2.80
N ASN C 206 5.79 44.43 -3.29
CA ASN C 206 4.65 44.91 -2.52
C ASN C 206 3.75 43.77 -2.05
N GLN C 207 3.40 42.84 -2.95
CA GLN C 207 2.45 41.79 -2.62
C GLN C 207 3.13 40.72 -1.77
N SER C 208 2.59 40.48 -0.58
CA SER C 208 3.13 39.50 0.34
C SER C 208 2.06 38.56 0.88
N VAL C 209 2.47 37.62 1.73
CA VAL C 209 1.65 36.50 2.15
C VAL C 209 1.55 36.48 3.68
N ILE C 210 0.31 36.43 4.18
CA ILE C 210 0.03 36.17 5.59
C ILE C 210 -0.44 34.73 5.71
N LEU C 211 0.08 34.01 6.70
CA LEU C 211 -0.32 32.64 6.98
C LEU C 211 -1.09 32.59 8.30
N CYS C 212 -2.08 31.70 8.36
CA CYS C 212 -2.97 31.55 9.50
C CYS C 212 -2.81 30.17 10.12
N PHE C 213 -2.97 30.08 11.43
CA PHE C 213 -2.96 28.82 12.16
C PHE C 213 -4.23 28.71 13.00
N VAL C 214 -4.42 27.53 13.59
CA VAL C 214 -5.53 27.32 14.51
C VAL C 214 -5.11 26.26 15.54
N SER C 215 -5.57 26.43 16.77
CA SER C 215 -5.30 25.51 17.86
C SER C 215 -6.33 25.74 18.95
N ALA C 216 -6.48 24.75 19.83
CA ALA C 216 -7.40 24.83 20.96
C ALA C 216 -6.66 25.28 22.22
N CYS C 217 -7.42 25.85 23.14
CA CYS C 217 -6.87 26.32 24.41
C CYS C 217 -6.85 25.17 25.42
N ASN C 218 -6.57 25.50 26.68
CA ASN C 218 -6.51 24.51 27.75
C ASN C 218 -7.87 24.23 28.39
N ASP C 219 -8.96 24.77 27.82
CA ASP C 219 -10.30 24.57 28.34
C ASP C 219 -11.24 24.11 27.24
N PHE C 220 -10.76 23.26 26.33
CA PHE C 220 -11.54 22.80 25.20
C PHE C 220 -11.98 21.37 25.42
N SER C 221 -13.21 21.05 25.01
CA SER C 221 -13.76 19.72 25.26
C SER C 221 -14.75 19.35 24.16
N VAL C 222 -14.86 18.05 23.91
CA VAL C 222 -15.80 17.49 22.94
C VAL C 222 -16.51 16.30 23.59
N ARG C 223 -17.77 16.09 23.22
CA ARG C 223 -18.60 15.17 24.01
C ARG C 223 -19.14 13.95 23.27
N LEU C 224 -19.88 14.13 22.18
CA LEU C 224 -20.62 13.03 21.55
C LEU C 224 -19.82 12.41 20.41
N LEU C 225 -19.54 11.11 20.50
CA LEU C 225 -18.91 10.39 19.39
C LEU C 225 -19.92 10.17 18.27
N ARG C 226 -19.45 10.36 17.03
CA ARG C 226 -20.24 10.05 15.84
C ARG C 226 -19.29 9.71 14.71
N ASP C 227 -19.85 9.19 13.63
CA ASP C 227 -19.05 8.88 12.45
C ASP C 227 -18.82 10.15 11.63
N SER C 228 -17.65 10.24 11.02
CA SER C 228 -17.33 11.41 10.21
C SER C 228 -18.05 11.33 8.86
N PRO C 229 -18.53 12.46 8.33
CA PRO C 229 -19.22 12.46 7.04
C PRO C 229 -18.29 12.37 5.84
N PHE C 230 -16.99 12.18 6.02
CA PHE C 230 -16.02 12.21 4.94
C PHE C 230 -15.68 10.83 4.41
N VAL C 231 -15.74 9.80 5.25
CA VAL C 231 -15.40 8.45 4.84
C VAL C 231 -16.54 7.88 4.01
N ARG C 232 -16.29 7.72 2.71
CA ARG C 232 -17.29 7.18 1.79
C ARG C 232 -16.64 6.11 0.93
N GLN C 233 -17.24 4.92 0.90
CA GLN C 233 -16.78 3.85 0.04
C GLN C 233 -17.98 3.13 -0.56
N THR C 234 -17.75 2.49 -1.69
CA THR C 234 -18.79 1.74 -2.41
C THR C 234 -18.65 0.24 -2.25
N ALA C 235 -17.47 -0.31 -2.54
CA ALA C 235 -17.19 -1.73 -2.39
C ALA C 235 -15.96 -1.89 -1.50
N PHE C 236 -15.46 -3.12 -1.42
CA PHE C 236 -14.29 -3.40 -0.60
C PHE C 236 -13.02 -2.98 -1.35
N TYR C 237 -11.89 -3.11 -0.66
CA TYR C 237 -10.60 -2.63 -1.16
C TYR C 237 -9.71 -3.78 -1.64
N GLN C 238 -10.31 -4.87 -2.10
CA GLN C 238 -9.57 -6.01 -2.61
C GLN C 238 -8.94 -5.71 -3.97
N GLY D 1 -12.01 -11.40 45.96
CA GLY D 1 -11.07 -10.66 45.15
C GLY D 1 -11.73 -9.61 44.28
N ALA D 2 -12.58 -8.79 44.89
CA ALA D 2 -13.32 -7.76 44.18
C ALA D 2 -12.63 -6.41 44.35
N GLN D 3 -13.02 -5.46 43.50
CA GLN D 3 -12.54 -4.10 43.61
C GLN D 3 -13.71 -3.13 43.48
N VAL D 4 -13.59 -1.99 44.18
CA VAL D 4 -14.66 -1.00 44.25
C VAL D 4 -14.09 0.33 43.78
N SER D 5 -14.74 0.94 42.79
CA SER D 5 -14.30 2.22 42.25
C SER D 5 -15.51 3.10 41.97
N THR D 6 -15.25 4.38 41.72
CA THR D 6 -16.30 5.35 41.47
C THR D 6 -16.84 5.21 40.05
N GLN D 7 -18.09 5.62 39.87
CA GLN D 7 -18.71 5.63 38.56
C GLN D 7 -18.40 6.95 37.85
N LYS D 8 -18.94 7.09 36.64
CA LYS D 8 -18.90 8.36 35.91
C LYS D 8 -20.23 9.07 36.17
N THR D 9 -20.21 9.93 37.19
CA THR D 9 -21.41 10.65 37.59
C THR D 9 -21.52 11.95 36.81
N GLY D 10 -22.49 12.79 37.16
CA GLY D 10 -22.70 14.05 36.47
C GLY D 10 -21.76 15.16 36.90
N ALA D 11 -22.28 16.38 37.03
CA ALA D 11 -21.47 17.52 37.40
C ALA D 11 -22.24 18.41 38.34
N HIS D 12 -21.52 18.98 39.32
CA HIS D 12 -21.91 20.06 40.22
C HIS D 12 -22.91 19.63 41.30
N GLU D 13 -23.47 18.43 41.17
CA GLU D 13 -24.39 17.84 42.15
C GLU D 13 -24.58 16.36 41.87
N THR D 14 -24.44 15.53 42.91
CA THR D 14 -24.59 14.07 42.88
C THR D 14 -23.74 13.38 41.80
N SER D 22 -23.59 4.10 47.15
CA SER D 22 -25.04 4.16 46.95
C SER D 22 -25.37 4.11 45.46
N ILE D 23 -25.24 5.25 44.79
CA ILE D 23 -25.53 5.36 43.36
C ILE D 23 -24.18 5.28 42.65
N ILE D 24 -23.11 5.24 43.44
CA ILE D 24 -21.75 5.19 42.92
C ILE D 24 -21.05 3.98 43.54
N HIS D 25 -19.73 3.87 43.29
CA HIS D 25 -18.85 2.83 43.84
C HIS D 25 -19.30 1.43 43.43
N TYR D 26 -19.19 1.17 42.11
CA TYR D 26 -19.57 -0.12 41.57
C TYR D 26 -18.50 -1.17 41.91
N THR D 27 -18.83 -2.43 41.65
CA THR D 27 -17.96 -3.55 41.97
C THR D 27 -17.47 -4.21 40.69
N ASN D 28 -16.25 -4.75 40.74
CA ASN D 28 -15.66 -5.45 39.60
C ASN D 28 -14.94 -6.68 40.11
N ILE D 29 -15.20 -7.82 39.45
CA ILE D 29 -14.59 -9.10 39.76
C ILE D 29 -14.04 -9.69 38.47
N ASN D 30 -12.76 -10.07 38.48
CA ASN D 30 -12.13 -10.70 37.33
C ASN D 30 -12.35 -12.21 37.41
N TYR D 31 -12.78 -12.81 36.30
CA TYR D 31 -13.16 -14.22 36.27
C TYR D 31 -12.16 -15.11 35.55
N TYR D 32 -11.37 -14.56 34.62
CA TYR D 32 -10.49 -15.36 33.78
C TYR D 32 -9.05 -15.20 34.21
N LYS D 33 -8.20 -16.11 33.70
CA LYS D 33 -6.80 -16.19 34.10
C LYS D 33 -5.88 -15.43 33.15
N ASP D 34 -6.41 -14.56 32.30
CA ASP D 34 -5.61 -13.83 31.33
C ASP D 34 -5.89 -12.35 31.44
N ALA D 35 -4.86 -11.55 31.19
CA ALA D 35 -4.99 -10.09 31.27
C ALA D 35 -5.73 -9.53 30.06
N ALA D 36 -5.74 -10.26 28.95
CA ALA D 36 -6.46 -9.79 27.76
C ALA D 36 -7.96 -10.01 27.87
N SER D 37 -8.41 -10.82 28.81
CA SER D 37 -9.83 -11.08 29.00
C SER D 37 -10.54 -10.01 29.81
N ASN D 38 -9.81 -9.02 30.32
CA ASN D 38 -10.40 -7.99 31.16
C ASN D 38 -11.21 -7.00 30.33
N SER D 39 -11.92 -6.12 31.03
CA SER D 39 -12.76 -5.13 30.38
C SER D 39 -11.91 -3.94 29.90
N ALA D 40 -12.59 -2.89 29.44
CA ALA D 40 -11.91 -1.73 28.91
C ALA D 40 -11.35 -0.87 30.05
N ASN D 41 -10.45 0.04 29.68
CA ASN D 41 -9.79 0.96 30.60
C ASN D 41 -10.35 2.36 30.49
N ARG D 42 -11.67 2.49 30.36
CA ARG D 42 -12.30 3.79 30.09
C ARG D 42 -12.41 4.67 31.33
N GLN D 43 -11.31 4.89 32.05
CA GLN D 43 -11.33 5.81 33.17
C GLN D 43 -10.07 6.67 33.19
N ASP D 44 -9.09 6.39 32.33
CA ASP D 44 -7.80 7.08 32.32
C ASP D 44 -7.97 8.42 31.64
N PHE D 45 -7.88 9.50 32.42
CA PHE D 45 -8.12 10.84 31.93
C PHE D 45 -6.84 11.67 31.88
N THR D 46 -5.69 11.06 32.13
CA THR D 46 -4.43 11.78 32.24
C THR D 46 -3.89 12.13 30.85
N GLN D 47 -3.62 13.41 30.64
CA GLN D 47 -3.09 13.92 29.38
C GLN D 47 -1.72 14.54 29.63
N ASP D 48 -1.00 14.80 28.54
CA ASP D 48 0.29 15.47 28.62
C ASP D 48 0.56 16.22 27.32
N PRO D 49 0.07 17.47 27.18
CA PRO D 49 0.34 18.26 25.98
C PRO D 49 1.65 19.05 26.06
N GLY D 50 2.74 18.36 26.39
CA GLY D 50 4.04 19.00 26.48
C GLY D 50 5.03 18.41 25.49
N LYS D 51 4.69 17.24 24.95
CA LYS D 51 5.53 16.63 23.93
C LYS D 51 5.27 17.22 22.55
N PHE D 52 4.05 17.70 22.32
CA PHE D 52 3.66 18.26 21.03
C PHE D 52 3.69 19.78 21.04
N THR D 53 2.96 20.40 21.97
CA THR D 53 3.13 21.81 22.22
C THR D 53 4.34 22.03 23.13
N GLU D 54 5.04 23.14 22.88
CA GLU D 54 6.37 23.40 23.41
C GLU D 54 7.38 22.25 23.27
N PRO D 55 7.66 21.77 22.02
CA PRO D 55 8.62 20.66 21.90
C PRO D 55 10.06 21.14 21.76
N VAL D 56 10.48 22.12 22.55
CA VAL D 56 11.74 22.82 22.33
C VAL D 56 12.55 22.80 23.63
N LYS D 57 13.85 23.06 23.48
CA LYS D 57 14.71 23.48 24.57
C LYS D 57 14.69 25.00 24.61
N ASP D 58 15.35 25.56 25.64
CA ASP D 58 15.30 26.99 25.98
C ASP D 58 13.85 27.43 26.16
N ILE D 59 13.20 26.92 27.20
CA ILE D 59 11.75 27.00 27.35
C ILE D 59 11.29 28.43 27.52
N MET D 60 10.30 28.83 26.71
CA MET D 60 9.80 30.18 26.67
C MET D 60 9.02 30.53 27.94
N VAL D 61 8.76 31.83 28.12
CA VAL D 61 8.23 32.35 29.37
C VAL D 61 6.77 32.79 29.21
N LYS D 62 6.31 33.01 27.97
CA LYS D 62 4.96 33.37 27.51
C LYS D 62 4.63 34.84 27.82
N SER D 63 5.50 35.53 28.54
CA SER D 63 5.36 36.95 28.80
C SER D 63 6.43 37.80 28.12
N LEU D 64 7.55 37.20 27.74
CA LEU D 64 8.71 37.70 27.02
C LEU D 64 8.54 37.53 25.52
N PRO D 65 9.18 38.36 24.70
CA PRO D 65 9.03 38.23 23.24
C PRO D 65 9.69 37.00 22.63
N ALA D 66 10.50 36.25 23.41
CA ALA D 66 11.12 34.97 23.05
C ALA D 66 12.06 35.07 21.84
N LEU D 67 12.57 36.27 21.57
CA LEU D 67 13.54 36.51 20.52
C LEU D 67 14.50 37.59 21.01
N ASN D 68 15.24 38.19 20.07
CA ASN D 68 16.21 39.28 20.30
C ASN D 68 17.28 38.86 21.31
N LEU E 1 -1.73 -40.86 -19.81
CA LEU E 1 -2.49 -39.61 -19.88
C LEU E 1 -1.98 -38.60 -18.84
N SER E 2 -1.88 -37.34 -19.27
CA SER E 2 -1.44 -36.27 -18.38
C SER E 2 -1.95 -34.95 -18.95
N LEU E 3 -2.92 -34.35 -18.28
CA LEU E 3 -3.49 -33.07 -18.69
C LEU E 3 -2.54 -31.93 -18.34
N LEU E 4 -2.22 -31.10 -19.33
CA LEU E 4 -1.36 -29.95 -19.12
C LEU E 4 -2.01 -28.69 -19.72
N TYR E 5 -1.64 -27.54 -19.14
CA TYR E 5 -2.06 -26.22 -19.58
C TYR E 5 -0.83 -25.34 -19.73
N HIS E 6 -0.61 -24.83 -20.95
CA HIS E 6 0.49 -23.92 -21.24
C HIS E 6 -0.11 -22.53 -21.39
N LEU E 7 0.15 -21.66 -20.41
CA LEU E 7 -0.34 -20.28 -20.46
C LEU E 7 0.84 -19.35 -20.68
N THR E 8 0.67 -18.37 -21.55
CA THR E 8 1.78 -17.44 -21.80
C THR E 8 1.24 -16.04 -21.99
N ALA E 9 1.80 -15.10 -21.23
CA ALA E 9 1.48 -13.68 -21.33
C ALA E 9 2.75 -12.88 -21.51
N VAL E 10 2.64 -11.78 -22.24
CA VAL E 10 3.77 -10.89 -22.52
C VAL E 10 3.42 -9.48 -22.07
N SER E 11 4.46 -8.66 -21.93
CA SER E 11 4.27 -7.28 -21.47
C SER E 11 3.88 -6.37 -22.62
N SER E 12 4.75 -6.26 -23.63
CA SER E 12 4.51 -5.40 -24.78
C SER E 12 4.31 -6.25 -26.03
N PRO E 13 3.08 -6.54 -26.42
CA PRO E 13 2.87 -7.41 -27.59
C PRO E 13 2.98 -6.64 -28.91
N ALA E 14 3.13 -7.41 -29.98
CA ALA E 14 3.11 -6.84 -31.32
C ALA E 14 1.66 -6.57 -31.73
N PRO E 15 1.44 -5.59 -32.61
CA PRO E 15 0.09 -5.39 -33.16
C PRO E 15 -0.31 -6.53 -34.07
N GLY E 16 -1.50 -7.08 -33.84
CA GLY E 16 -1.95 -8.29 -34.47
C GLY E 16 -1.59 -9.56 -33.74
N THR E 17 -0.81 -9.45 -32.66
CA THR E 17 -0.41 -10.59 -31.83
C THR E 17 -1.11 -10.50 -30.48
N PRO E 18 -1.76 -11.57 -30.03
CA PRO E 18 -2.42 -11.53 -28.71
C PRO E 18 -1.41 -11.51 -27.58
N ALA E 19 -1.76 -10.77 -26.52
CA ALA E 19 -0.88 -10.63 -25.36
C ALA E 19 -1.02 -11.78 -24.37
N PHE E 20 -1.87 -12.76 -24.66
CA PHE E 20 -2.14 -13.85 -23.71
C PHE E 20 -2.73 -15.01 -24.48
N TRP E 21 -2.07 -16.17 -24.44
CA TRP E 21 -2.58 -17.36 -25.11
C TRP E 21 -2.43 -18.61 -24.25
N VAL E 22 -3.43 -19.49 -24.34
CA VAL E 22 -3.53 -20.72 -23.58
C VAL E 22 -3.63 -21.88 -24.55
N SER E 23 -2.86 -22.94 -24.29
CA SER E 23 -2.96 -24.17 -25.07
C SER E 23 -3.12 -25.36 -24.11
N GLY E 24 -4.19 -26.12 -24.27
CA GLY E 24 -4.41 -27.31 -23.48
C GLY E 24 -3.85 -28.54 -24.17
N TRP E 25 -3.38 -29.50 -23.37
CA TRP E 25 -2.65 -30.66 -23.87
C TRP E 25 -3.15 -31.91 -23.15
N LEU E 26 -3.98 -32.69 -23.84
CA LEU E 26 -4.32 -34.04 -23.40
C LEU E 26 -3.28 -35.00 -23.95
N GLY E 27 -2.18 -35.17 -23.22
CA GLY E 27 -1.11 -36.04 -23.67
C GLY E 27 -0.25 -35.40 -24.74
N PRO E 28 -0.18 -36.03 -25.91
CA PRO E 28 0.78 -35.57 -26.93
C PRO E 28 0.31 -34.38 -27.76
N GLN E 29 -1.00 -34.23 -27.99
CA GLN E 29 -1.50 -33.25 -28.94
C GLN E 29 -2.52 -32.32 -28.30
N GLN E 30 -2.72 -31.19 -28.98
CA GLN E 30 -3.45 -30.04 -28.44
C GLN E 30 -4.96 -30.19 -28.67
N TYR E 31 -5.75 -29.67 -27.72
CA TYR E 31 -7.20 -29.64 -27.87
C TYR E 31 -7.80 -28.25 -27.63
N LEU E 32 -7.01 -27.25 -27.26
CA LEU E 32 -7.53 -25.96 -26.84
C LEU E 32 -6.76 -24.84 -27.52
N SER E 33 -7.47 -23.74 -27.80
CA SER E 33 -6.85 -22.57 -28.43
C SER E 33 -7.56 -21.33 -27.91
N TYR E 34 -6.96 -20.69 -26.91
CA TYR E 34 -7.52 -19.49 -26.29
C TYR E 34 -6.58 -18.31 -26.55
N ASN E 35 -7.16 -17.13 -26.75
CA ASN E 35 -6.40 -15.92 -26.97
C ASN E 35 -7.11 -14.73 -26.32
N SER E 36 -6.35 -13.66 -26.10
CA SER E 36 -6.88 -12.46 -25.47
C SER E 36 -7.62 -11.55 -26.45
N LEU E 37 -7.45 -11.76 -27.76
CA LEU E 37 -8.06 -10.89 -28.75
C LEU E 37 -9.53 -11.24 -29.02
N ARG E 38 -9.96 -12.45 -28.69
CA ARG E 38 -11.33 -12.89 -28.94
C ARG E 38 -12.14 -13.01 -27.65
N GLY E 39 -11.65 -13.77 -26.68
CA GLY E 39 -12.33 -13.95 -25.44
C GLY E 39 -12.98 -15.30 -25.22
N GLU E 40 -12.66 -16.30 -26.05
CA GLU E 40 -13.21 -17.63 -25.90
C GLU E 40 -12.23 -18.63 -26.51
N ALA E 41 -12.34 -19.88 -26.07
CA ALA E 41 -11.50 -20.96 -26.56
C ALA E 41 -12.25 -21.77 -27.60
N GLU E 42 -11.52 -22.28 -28.58
CA GLU E 42 -12.10 -23.03 -29.69
C GLU E 42 -11.41 -24.39 -29.80
N PRO E 43 -12.16 -25.46 -30.07
CA PRO E 43 -11.53 -26.78 -30.20
C PRO E 43 -10.91 -27.01 -31.57
N CYS E 44 -10.44 -28.23 -31.82
CA CYS E 44 -9.88 -28.61 -33.11
C CYS E 44 -10.81 -29.68 -33.69
N GLY E 45 -11.80 -30.07 -32.90
CA GLY E 45 -12.81 -31.04 -33.30
C GLY E 45 -12.28 -32.42 -33.64
N ALA E 46 -11.46 -32.99 -32.76
CA ALA E 46 -10.90 -34.32 -32.97
C ALA E 46 -10.89 -35.12 -31.67
N TRP E 47 -11.67 -34.67 -30.69
CA TRP E 47 -11.68 -35.33 -29.38
C TRP E 47 -13.05 -35.86 -29.01
N VAL E 48 -14.07 -34.98 -29.04
CA VAL E 48 -15.41 -35.43 -28.67
C VAL E 48 -16.34 -35.47 -29.87
N TRP E 49 -16.01 -34.75 -30.95
CA TRP E 49 -16.78 -34.60 -32.19
C TRP E 49 -18.27 -34.34 -31.94
N GLU E 50 -18.55 -33.54 -30.92
CA GLU E 50 -19.92 -33.34 -30.46
C GLU E 50 -19.98 -32.03 -29.69
N ASN E 51 -21.04 -31.24 -29.94
CA ASN E 51 -21.19 -29.95 -29.29
C ASN E 51 -21.60 -30.10 -27.84
N GLN E 52 -20.68 -29.82 -26.92
CA GLN E 52 -20.98 -29.83 -25.49
C GLN E 52 -21.70 -28.54 -25.15
N VAL E 53 -23.00 -28.64 -24.87
CA VAL E 53 -23.87 -27.47 -24.84
C VAL E 53 -23.71 -26.71 -23.53
N SER E 54 -22.87 -25.67 -23.56
CA SER E 54 -22.81 -24.59 -22.58
C SER E 54 -22.40 -25.00 -21.16
N TRP E 55 -21.92 -26.22 -20.97
CA TRP E 55 -21.40 -26.58 -19.66
C TRP E 55 -19.94 -27.02 -19.74
N TYR E 56 -19.32 -26.81 -20.90
CA TYR E 56 -17.91 -27.15 -21.07
C TYR E 56 -17.15 -25.96 -21.65
N TRP E 57 -17.84 -25.10 -22.39
CA TRP E 57 -17.22 -23.94 -23.00
C TRP E 57 -17.64 -22.62 -22.37
N GLU E 58 -18.58 -22.64 -21.42
CA GLU E 58 -18.93 -21.45 -20.65
C GLU E 58 -18.27 -21.47 -19.27
N LYS E 59 -17.48 -22.49 -18.97
CA LYS E 59 -16.74 -22.57 -17.72
C LYS E 59 -15.25 -22.41 -17.93
N GLU E 60 -14.69 -23.05 -18.97
CA GLU E 60 -13.29 -22.83 -19.34
C GLU E 60 -13.05 -21.40 -19.77
N THR E 61 -14.06 -20.78 -20.40
CA THR E 61 -13.97 -19.38 -20.80
C THR E 61 -13.82 -18.47 -19.59
N THR E 62 -14.66 -18.66 -18.57
CA THR E 62 -14.58 -17.83 -17.37
C THR E 62 -13.30 -18.09 -16.58
N ASP E 63 -12.86 -19.37 -16.53
CA ASP E 63 -11.63 -19.69 -15.83
C ASP E 63 -10.42 -19.06 -16.51
N LEU E 64 -10.37 -19.11 -17.85
CA LEU E 64 -9.26 -18.47 -18.55
C LEU E 64 -9.37 -16.95 -18.55
N ARG E 65 -10.58 -16.39 -18.39
CA ARG E 65 -10.67 -14.94 -18.19
C ARG E 65 -10.12 -14.54 -16.81
N ILE E 66 -10.35 -15.37 -15.79
CA ILE E 66 -9.76 -15.12 -14.47
C ILE E 66 -8.24 -15.23 -14.54
N LYS E 67 -7.72 -16.24 -15.25
CA LYS E 67 -6.27 -16.39 -15.40
C LYS E 67 -5.69 -15.25 -16.24
N GLU E 68 -6.44 -14.76 -17.23
CA GLU E 68 -6.02 -13.61 -18.03
C GLU E 68 -5.94 -12.35 -17.19
N LYS E 69 -6.94 -12.12 -16.34
CA LYS E 69 -6.94 -10.96 -15.45
C LYS E 69 -5.78 -11.02 -14.46
N LEU E 70 -5.48 -12.21 -13.93
CA LEU E 70 -4.34 -12.35 -13.01
C LEU E 70 -3.01 -12.12 -13.72
N PHE E 71 -2.82 -12.70 -14.90
CA PHE E 71 -1.53 -12.58 -15.58
C PHE E 71 -1.32 -11.18 -16.13
N LEU E 72 -2.38 -10.51 -16.59
CA LEU E 72 -2.24 -9.12 -17.01
C LEU E 72 -2.10 -8.18 -15.82
N GLU E 73 -2.61 -8.59 -14.64
CA GLU E 73 -2.33 -7.84 -13.43
C GLU E 73 -0.89 -8.01 -12.99
N ALA E 74 -0.25 -9.13 -13.36
CA ALA E 74 1.09 -9.46 -12.90
C ALA E 74 2.19 -8.83 -13.74
N PHE E 75 1.94 -7.72 -14.43
CA PHE E 75 3.00 -6.97 -15.10
C PHE E 75 3.22 -5.58 -14.54
N LYS E 76 2.35 -5.07 -13.66
CA LYS E 76 2.48 -3.70 -13.20
C LYS E 76 3.39 -3.58 -11.98
N ALA E 77 3.62 -4.67 -11.26
CA ALA E 77 4.41 -4.62 -10.04
C ALA E 77 5.90 -4.78 -10.26
N LEU E 78 6.35 -4.85 -11.52
CA LEU E 78 7.75 -5.05 -11.84
C LEU E 78 8.31 -3.78 -12.47
N GLY E 79 9.32 -3.20 -11.84
CA GLY E 79 9.88 -1.94 -12.29
C GLY E 79 11.12 -2.09 -13.16
N GLY E 80 11.24 -3.21 -13.86
CA GLY E 80 12.36 -3.44 -14.74
C GLY E 80 12.26 -2.66 -16.03
N LYS E 81 13.27 -2.88 -16.89
CA LYS E 81 13.36 -2.11 -18.14
C LYS E 81 12.83 -2.90 -19.33
N GLY E 82 13.37 -4.10 -19.56
CA GLY E 82 13.10 -4.85 -20.76
C GLY E 82 11.73 -5.50 -20.80
N PRO E 83 11.44 -6.21 -21.90
CA PRO E 83 10.15 -6.88 -22.01
C PRO E 83 10.08 -8.13 -21.13
N TYR E 84 8.86 -8.62 -20.97
CA TYR E 84 8.57 -9.71 -20.03
C TYR E 84 7.92 -10.87 -20.78
N THR E 85 8.01 -12.05 -20.15
CA THR E 85 7.32 -13.24 -20.63
C THR E 85 7.02 -14.11 -19.42
N LEU E 86 5.74 -14.18 -19.03
CA LEU E 86 5.34 -14.92 -17.83
C LEU E 86 4.64 -16.20 -18.27
N GLN E 87 5.43 -17.28 -18.33
CA GLN E 87 4.91 -18.57 -18.73
C GLN E 87 4.44 -19.36 -17.51
N GLY E 88 3.44 -20.21 -17.73
CA GLY E 88 2.84 -20.99 -16.67
C GLY E 88 2.44 -22.39 -17.10
N LEU E 89 2.84 -23.38 -16.30
CA LEU E 89 2.56 -24.80 -16.53
C LEU E 89 1.57 -25.24 -15.46
N LEU E 90 0.32 -25.46 -15.84
CA LEU E 90 -0.74 -25.79 -14.89
C LEU E 90 -1.48 -27.05 -15.34
N GLY E 91 -1.43 -28.10 -14.54
CA GLY E 91 -2.11 -29.32 -14.95
C GLY E 91 -2.13 -30.35 -13.84
N CYS E 92 -2.42 -31.59 -14.23
CA CYS E 92 -2.50 -32.70 -13.29
C CYS E 92 -2.27 -34.00 -14.04
N GLU E 93 -2.00 -35.06 -13.28
CA GLU E 93 -1.86 -36.40 -13.85
C GLU E 93 -2.55 -37.40 -12.92
N LEU E 94 -3.12 -38.44 -13.52
CA LEU E 94 -3.90 -39.42 -12.79
C LEU E 94 -2.97 -40.46 -12.16
N GLY E 95 -3.26 -40.81 -10.91
CA GLY E 95 -2.43 -41.73 -10.16
C GLY E 95 -2.69 -43.17 -10.50
N PRO E 96 -2.51 -44.07 -9.51
CA PRO E 96 -2.83 -45.49 -9.74
C PRO E 96 -4.33 -45.74 -9.93
N ASP E 97 -5.15 -45.34 -8.97
CA ASP E 97 -6.60 -45.41 -9.11
C ASP E 97 -7.27 -44.05 -8.98
N ASN E 98 -6.98 -43.32 -7.90
CA ASN E 98 -7.56 -42.01 -7.66
C ASN E 98 -6.44 -41.13 -7.09
N THR E 99 -6.83 -39.98 -6.52
CA THR E 99 -5.96 -38.98 -5.88
C THR E 99 -4.88 -38.50 -6.86
N SER E 100 -5.36 -37.77 -7.87
CA SER E 100 -4.49 -37.25 -8.92
C SER E 100 -3.51 -36.22 -8.37
N VAL E 101 -2.34 -36.17 -8.99
CA VAL E 101 -1.25 -35.28 -8.56
C VAL E 101 -1.21 -34.08 -9.49
N PRO E 102 -1.47 -32.88 -9.01
CA PRO E 102 -1.36 -31.69 -9.88
C PRO E 102 0.04 -31.10 -9.86
N THR E 103 0.24 -30.17 -10.80
CA THR E 103 1.54 -29.52 -11.01
C THR E 103 1.28 -28.07 -11.41
N ALA E 104 1.88 -27.15 -10.67
CA ALA E 104 1.77 -25.72 -10.92
C ALA E 104 3.15 -25.09 -10.88
N LYS E 105 3.61 -24.59 -12.03
CA LYS E 105 4.96 -24.03 -12.15
C LYS E 105 4.85 -22.70 -12.87
N PHE E 106 5.68 -21.72 -12.48
CA PHE E 106 5.69 -20.43 -13.17
C PHE E 106 7.13 -20.06 -13.54
N ALA E 107 7.27 -19.28 -14.62
CA ALA E 107 8.58 -18.90 -15.11
C ALA E 107 8.54 -17.50 -15.69
N LEU E 108 9.56 -16.71 -15.40
CA LEU E 108 9.72 -15.38 -15.99
C LEU E 108 11.05 -15.31 -16.72
N ASN E 109 11.00 -14.90 -18.00
CA ASN E 109 12.15 -14.84 -18.90
C ASN E 109 12.85 -16.19 -19.03
N GLY E 110 12.06 -17.25 -19.21
CA GLY E 110 12.60 -18.58 -19.49
C GLY E 110 13.21 -19.30 -18.31
N GLU E 111 13.09 -18.77 -17.10
CA GLU E 111 13.66 -19.39 -15.91
C GLU E 111 12.58 -19.55 -14.86
N GLU E 112 12.48 -20.75 -14.30
CA GLU E 112 11.49 -21.03 -13.26
C GLU E 112 11.84 -20.29 -11.97
N PHE E 113 10.86 -19.62 -11.39
CA PHE E 113 11.10 -18.82 -10.18
C PHE E 113 10.11 -19.07 -9.06
N MET E 114 8.93 -19.62 -9.32
CA MET E 114 8.00 -19.92 -8.23
C MET E 114 7.05 -21.05 -8.63
N ASN E 115 6.40 -21.61 -7.62
CA ASN E 115 5.37 -22.63 -7.81
C ASN E 115 4.19 -22.27 -6.92
N PHE E 116 3.23 -23.17 -6.78
CA PHE E 116 2.04 -22.95 -5.97
C PHE E 116 1.96 -24.05 -4.91
N ASP E 117 2.30 -23.71 -3.67
CA ASP E 117 2.27 -24.67 -2.56
C ASP E 117 0.82 -24.96 -2.21
N LEU E 118 0.45 -26.24 -2.32
CA LEU E 118 -0.93 -26.65 -2.13
C LEU E 118 -1.28 -26.80 -0.66
N LYS E 119 -0.28 -27.15 0.16
CA LYS E 119 -0.52 -27.36 1.58
C LYS E 119 -0.82 -26.05 2.29
N GLN E 120 -0.15 -24.97 1.85
CA GLN E 120 -0.44 -23.63 2.35
C GLN E 120 -1.20 -22.78 1.34
N GLY E 121 -1.50 -23.34 0.16
CA GLY E 121 -2.34 -22.70 -0.84
C GLY E 121 -1.83 -21.37 -1.35
N THR E 122 -0.52 -21.20 -1.44
CA THR E 122 0.08 -19.89 -1.67
C THR E 122 1.16 -20.01 -2.72
N TRP E 123 1.24 -19.04 -3.62
CA TRP E 123 2.35 -18.99 -4.57
C TRP E 123 3.64 -18.68 -3.82
N GLY E 124 4.67 -19.48 -4.08
CA GLY E 124 5.92 -19.35 -3.35
C GLY E 124 7.15 -19.51 -4.22
N GLY E 125 8.13 -18.64 -4.02
CA GLY E 125 9.36 -18.68 -4.77
C GLY E 125 10.57 -18.27 -3.95
N ASP E 126 11.61 -17.77 -4.62
CA ASP E 126 12.84 -17.34 -3.96
C ASP E 126 13.22 -15.91 -4.28
N TRP E 127 12.96 -15.46 -5.50
CA TRP E 127 13.36 -14.14 -5.95
C TRP E 127 12.47 -13.06 -5.34
N PRO E 128 12.93 -11.80 -5.33
CA PRO E 128 12.02 -10.71 -4.96
C PRO E 128 10.87 -10.51 -5.93
N GLU E 129 11.07 -10.83 -7.21
CA GLU E 129 9.97 -10.81 -8.17
C GLU E 129 8.93 -11.87 -7.85
N ALA E 130 9.38 -13.03 -7.35
CA ALA E 130 8.46 -14.08 -6.92
C ALA E 130 7.57 -13.62 -5.78
N LEU E 131 8.16 -12.99 -4.76
CA LEU E 131 7.39 -12.49 -3.63
C LEU E 131 6.49 -11.34 -4.05
N ALA E 132 6.93 -10.52 -5.01
CA ALA E 132 6.11 -9.41 -5.49
C ALA E 132 4.87 -9.89 -6.24
N ILE E 133 5.05 -10.85 -7.15
CA ILE E 133 3.91 -11.36 -7.91
C ILE E 133 2.99 -12.21 -7.02
N SER E 134 3.58 -12.98 -6.10
CA SER E 134 2.77 -13.78 -5.17
C SER E 134 2.00 -12.92 -4.18
N GLN E 135 2.54 -11.77 -3.81
CA GLN E 135 1.84 -10.83 -2.97
C GLN E 135 0.78 -10.04 -3.73
N ARG E 136 1.01 -9.77 -5.02
CA ARG E 136 0.01 -9.11 -5.85
C ARG E 136 -1.17 -10.01 -6.20
N TRP E 137 -0.95 -11.31 -6.38
CA TRP E 137 -2.05 -12.22 -6.66
C TRP E 137 -2.94 -12.51 -5.46
N GLN E 138 -2.47 -12.30 -4.24
CA GLN E 138 -3.31 -12.42 -3.06
C GLN E 138 -3.85 -11.08 -2.61
N GLN E 139 -3.62 -10.01 -3.37
CA GLN E 139 -4.35 -8.76 -3.20
C GLN E 139 -5.76 -8.86 -3.74
N GLN E 140 -5.98 -9.66 -4.79
CA GLN E 140 -7.32 -9.96 -5.25
C GLN E 140 -8.09 -10.82 -4.24
N ASP E 141 -7.34 -11.58 -3.42
CA ASP E 141 -7.74 -12.39 -2.25
C ASP E 141 -8.95 -13.30 -2.48
N LYS E 142 -9.26 -13.63 -3.72
CA LYS E 142 -10.28 -14.61 -4.07
C LYS E 142 -9.77 -15.47 -5.22
N ALA E 143 -8.45 -15.51 -5.41
CA ALA E 143 -7.83 -16.23 -6.51
C ALA E 143 -7.08 -17.47 -6.06
N ALA E 144 -6.48 -17.45 -4.87
CA ALA E 144 -5.82 -18.65 -4.35
C ALA E 144 -6.84 -19.73 -4.01
N ASN E 145 -8.00 -19.33 -3.49
CA ASN E 145 -9.08 -20.28 -3.23
C ASN E 145 -9.67 -20.83 -4.51
N LYS E 146 -9.56 -20.09 -5.62
CA LYS E 146 -10.01 -20.60 -6.91
C LYS E 146 -8.99 -21.52 -7.58
N GLU E 147 -7.69 -21.24 -7.45
CA GLU E 147 -6.73 -22.17 -8.02
C GLU E 147 -6.59 -23.43 -7.18
N LEU E 148 -6.76 -23.32 -5.85
CA LEU E 148 -6.76 -24.46 -4.95
C LEU E 148 -7.90 -25.44 -5.22
N THR E 149 -9.03 -24.98 -5.73
CA THR E 149 -10.07 -25.88 -6.19
C THR E 149 -9.99 -26.21 -7.68
N PHE E 150 -9.38 -25.34 -8.50
CA PHE E 150 -9.22 -25.62 -9.92
C PHE E 150 -8.21 -26.72 -10.19
N LEU E 151 -7.17 -26.84 -9.37
CA LEU E 151 -6.17 -27.89 -9.56
C LEU E 151 -6.48 -29.15 -8.78
N LEU E 152 -7.60 -29.20 -8.05
CA LEU E 152 -7.91 -30.35 -7.21
C LEU E 152 -9.33 -30.88 -7.35
N PHE E 153 -10.27 -30.16 -7.96
CA PHE E 153 -11.61 -30.65 -8.17
C PHE E 153 -12.16 -30.38 -9.56
N SER E 154 -11.52 -29.52 -10.35
CA SER E 154 -11.94 -29.25 -11.72
C SER E 154 -11.09 -29.96 -12.75
N CYS E 155 -9.76 -29.85 -12.67
CA CYS E 155 -8.85 -30.56 -13.57
C CYS E 155 -8.87 -32.09 -13.42
N PRO E 156 -8.94 -32.72 -12.19
CA PRO E 156 -9.15 -34.18 -12.18
C PRO E 156 -10.54 -34.58 -12.66
N HIS E 157 -11.53 -33.71 -12.49
CA HIS E 157 -12.87 -33.97 -13.00
C HIS E 157 -12.87 -33.97 -14.53
N ARG E 158 -12.22 -32.97 -15.14
CA ARG E 158 -12.11 -32.93 -16.60
C ARG E 158 -11.23 -34.07 -17.12
N LEU E 159 -10.24 -34.48 -16.32
CA LEU E 159 -9.37 -35.59 -16.72
C LEU E 159 -10.11 -36.91 -16.72
N ARG E 160 -10.90 -37.19 -15.67
CA ARG E 160 -11.73 -38.38 -15.64
C ARG E 160 -12.92 -38.30 -16.57
N GLU E 161 -13.32 -37.10 -17.00
CA GLU E 161 -14.32 -36.96 -18.06
C GLU E 161 -13.76 -37.28 -19.44
N HIS E 162 -12.58 -36.74 -19.77
CA HIS E 162 -11.97 -37.03 -21.08
C HIS E 162 -11.28 -38.39 -21.08
N LEU E 163 -11.24 -39.07 -19.93
CA LEU E 163 -10.77 -40.45 -19.88
C LEU E 163 -11.71 -41.36 -20.66
N GLU E 164 -13.00 -41.34 -20.34
CA GLU E 164 -14.00 -42.07 -21.12
C GLU E 164 -15.09 -41.09 -21.54
N ARG E 165 -14.81 -40.32 -22.59
CA ARG E 165 -15.82 -39.69 -23.43
C ARG E 165 -15.35 -39.84 -24.87
N GLY E 166 -14.03 -39.90 -25.04
CA GLY E 166 -13.38 -39.93 -26.33
C GLY E 166 -12.36 -41.03 -26.43
N ARG E 167 -12.72 -42.23 -25.94
CA ARG E 167 -11.81 -43.38 -25.92
C ARG E 167 -11.38 -43.80 -27.32
N GLY E 168 -12.22 -43.60 -28.32
CA GLY E 168 -11.81 -43.83 -29.70
C GLY E 168 -10.78 -42.83 -30.18
N ASN E 169 -10.77 -41.62 -29.61
CA ASN E 169 -9.76 -40.62 -29.94
C ASN E 169 -8.57 -40.64 -28.99
N LEU E 170 -8.44 -41.69 -28.16
CA LEU E 170 -7.25 -41.92 -27.37
C LEU E 170 -6.45 -43.11 -27.86
N GLU E 171 -7.00 -43.89 -28.80
CA GLU E 171 -6.38 -45.10 -29.33
C GLU E 171 -5.83 -44.89 -30.72
N TRP E 172 -5.19 -43.74 -30.97
CA TRP E 172 -4.64 -43.43 -32.27
C TRP E 172 -3.50 -44.39 -32.64
N LYS E 173 -3.56 -44.93 -33.86
CA LYS E 173 -2.63 -45.97 -34.27
C LYS E 173 -2.55 -46.00 -35.79
N GLU E 174 -1.39 -45.64 -36.34
CA GLU E 174 -1.09 -45.81 -37.75
C GLU E 174 0.35 -46.27 -37.90
N PRO E 175 0.63 -47.18 -38.82
CA PRO E 175 2.01 -47.61 -39.06
C PRO E 175 2.77 -46.54 -39.82
N PRO E 176 3.98 -46.18 -39.37
CA PRO E 176 4.77 -45.17 -40.08
C PRO E 176 5.44 -45.76 -41.32
N SER E 177 5.50 -44.97 -42.39
CA SER E 177 6.07 -45.41 -43.65
C SER E 177 7.51 -44.90 -43.75
N MET E 178 8.42 -45.78 -44.13
CA MET E 178 9.83 -45.45 -44.26
C MET E 178 10.19 -45.13 -45.70
N ARG E 179 11.08 -44.15 -45.86
CA ARG E 179 11.75 -43.87 -47.14
C ARG E 179 13.23 -43.72 -46.82
N LEU E 180 13.95 -44.84 -46.82
CA LEU E 180 15.37 -44.86 -46.48
C LEU E 180 16.20 -44.55 -47.72
N LYS E 181 16.95 -43.45 -47.69
CA LYS E 181 17.79 -43.07 -48.83
C LYS E 181 19.18 -42.65 -48.37
N ALA E 182 19.97 -42.10 -49.30
CA ALA E 182 21.30 -41.62 -49.00
C ALA E 182 21.59 -40.37 -49.82
N ARG E 183 22.69 -39.70 -49.51
CA ARG E 183 23.11 -38.51 -50.24
C ARG E 183 24.62 -38.42 -50.22
N PRO E 184 25.23 -37.95 -51.31
CA PRO E 184 26.69 -37.82 -51.35
C PRO E 184 27.16 -36.64 -50.52
N SER E 185 28.42 -36.72 -50.11
CA SER E 185 29.00 -35.78 -49.15
C SER E 185 30.41 -35.47 -49.62
N SER E 186 31.24 -34.96 -48.69
CA SER E 186 32.68 -34.74 -48.83
C SER E 186 33.38 -35.98 -49.37
N PRO E 187 34.47 -35.82 -50.17
CA PRO E 187 35.07 -36.97 -50.87
C PRO E 187 35.63 -38.06 -49.96
N GLY E 188 34.98 -39.22 -50.01
CA GLY E 188 35.24 -40.31 -49.11
C GLY E 188 34.09 -40.62 -48.16
N PHE E 189 33.14 -39.69 -48.03
CA PHE E 189 32.04 -39.81 -47.08
C PHE E 189 30.70 -39.77 -47.81
N SER E 190 29.66 -40.21 -47.09
CA SER E 190 28.27 -40.12 -47.55
C SER E 190 27.39 -40.03 -46.33
N VAL E 191 26.14 -39.59 -46.52
CA VAL E 191 25.21 -39.40 -45.41
C VAL E 191 23.92 -40.15 -45.71
N LEU E 192 23.58 -41.11 -44.86
CA LEU E 192 22.31 -41.82 -44.97
C LEU E 192 21.17 -40.94 -44.46
N THR E 193 19.94 -41.36 -44.76
CA THR E 193 18.76 -40.61 -44.33
C THR E 193 17.63 -41.60 -44.08
N CYS E 194 17.23 -41.73 -42.81
CA CYS E 194 16.13 -42.60 -42.41
C CYS E 194 14.99 -41.72 -41.91
N SER E 195 13.86 -41.78 -42.61
CA SER E 195 12.71 -40.95 -42.29
C SER E 195 11.59 -41.79 -41.68
N ALA E 196 10.58 -41.09 -41.14
CA ALA E 196 9.44 -41.74 -40.53
C ALA E 196 8.23 -40.81 -40.67
N PHE E 197 7.22 -41.25 -41.41
CA PHE E 197 6.10 -40.43 -41.82
C PHE E 197 4.86 -40.82 -41.05
N SER E 198 4.27 -39.85 -40.33
CA SER E 198 2.90 -39.90 -39.80
C SER E 198 2.69 -41.06 -38.82
N PHE E 199 3.42 -41.01 -37.71
CA PHE E 199 3.25 -41.94 -36.61
C PHE E 199 2.64 -41.20 -35.42
N TYR E 200 1.58 -41.76 -34.85
CA TYR E 200 0.77 -41.04 -33.86
C TYR E 200 1.32 -41.02 -32.42
N PRO E 201 1.84 -42.11 -31.83
CA PRO E 201 2.48 -41.96 -30.51
C PRO E 201 3.87 -41.37 -30.64
N PRO E 202 4.31 -40.57 -29.67
CA PRO E 202 5.60 -39.88 -29.81
C PRO E 202 6.82 -40.78 -29.70
N GLU E 203 6.69 -41.95 -29.10
CA GLU E 203 7.85 -42.81 -28.83
C GLU E 203 8.32 -43.49 -30.11
N LEU E 204 9.57 -43.27 -30.48
CA LEU E 204 10.17 -43.91 -31.64
C LEU E 204 11.68 -44.00 -31.41
N GLN E 205 12.24 -45.18 -31.70
CA GLN E 205 13.66 -45.44 -31.50
C GLN E 205 14.28 -45.85 -32.82
N LEU E 206 15.33 -45.14 -33.23
CA LEU E 206 16.04 -45.39 -34.47
C LEU E 206 17.48 -45.82 -34.19
N ARG E 207 17.99 -46.72 -35.04
CA ARG E 207 19.36 -47.17 -34.91
C ARG E 207 19.86 -47.61 -36.28
N PHE E 208 21.17 -47.62 -36.44
CA PHE E 208 21.82 -47.94 -37.72
C PHE E 208 22.52 -49.29 -37.61
N LEU E 209 22.37 -50.11 -38.65
CA LEU E 209 23.00 -51.42 -38.72
C LEU E 209 23.82 -51.52 -39.98
N ARG E 210 25.09 -51.92 -39.85
CA ARG E 210 25.96 -52.04 -41.01
C ARG E 210 25.61 -53.27 -41.83
N ASN E 211 25.80 -54.46 -41.26
CA ASN E 211 25.29 -55.70 -41.84
C ASN E 211 24.34 -56.42 -40.89
N GLY E 212 24.77 -56.70 -39.66
CA GLY E 212 23.90 -57.25 -38.64
C GLY E 212 24.27 -56.69 -37.28
N LEU E 213 25.27 -55.80 -37.26
CA LEU E 213 25.80 -55.21 -36.05
C LEU E 213 25.41 -53.74 -36.00
N ALA E 214 25.13 -53.24 -34.80
CA ALA E 214 24.69 -51.86 -34.64
C ALA E 214 25.83 -50.88 -34.88
N ALA E 215 25.48 -49.69 -35.37
CA ALA E 215 26.46 -48.67 -35.69
C ALA E 215 26.19 -47.32 -35.03
N GLY E 216 25.20 -47.24 -34.15
CA GLY E 216 24.88 -46.01 -33.44
C GLY E 216 23.45 -45.56 -33.70
N THR E 217 23.08 -44.51 -32.99
CA THR E 217 21.76 -43.92 -33.09
C THR E 217 21.70 -42.70 -34.01
N GLY E 218 22.84 -42.09 -34.31
CA GLY E 218 22.85 -40.94 -35.19
C GLY E 218 22.38 -39.68 -34.48
N GLN E 219 21.61 -38.86 -35.19
CA GLN E 219 21.07 -37.61 -34.66
C GLN E 219 19.56 -37.62 -34.83
N GLY E 220 18.83 -37.51 -33.72
CA GLY E 220 17.38 -37.60 -33.75
C GLY E 220 16.74 -36.27 -34.07
N ASP E 221 15.88 -36.25 -35.08
CA ASP E 221 15.10 -35.08 -35.45
C ASP E 221 13.62 -35.43 -35.43
N PHE E 222 12.83 -34.56 -34.82
CA PHE E 222 11.43 -34.85 -34.54
C PHE E 222 10.60 -33.59 -34.72
N GLY E 223 9.39 -33.74 -35.24
CA GLY E 223 8.51 -32.60 -35.43
C GLY E 223 7.06 -32.97 -35.67
N PRO E 224 6.14 -32.26 -35.02
CA PRO E 224 4.72 -32.50 -35.26
C PRO E 224 4.23 -31.88 -36.55
N ASN E 225 3.11 -32.40 -37.04
CA ASN E 225 2.44 -31.84 -38.21
C ASN E 225 1.25 -30.98 -37.78
N SER E 226 0.45 -30.54 -38.74
CA SER E 226 -0.68 -29.65 -38.50
C SER E 226 -1.99 -30.41 -38.30
N ASP E 227 -1.93 -31.73 -38.13
CA ASP E 227 -3.14 -32.50 -37.91
C ASP E 227 -3.05 -33.51 -36.77
N GLY E 228 -1.89 -33.68 -36.14
CA GLY E 228 -1.70 -34.66 -35.09
C GLY E 228 -0.65 -35.71 -35.39
N SER E 229 -0.32 -35.92 -36.67
CA SER E 229 0.72 -36.87 -37.02
C SER E 229 2.09 -36.30 -36.71
N PHE E 230 3.04 -37.20 -36.47
CA PHE E 230 4.40 -36.81 -36.11
C PHE E 230 5.36 -37.32 -37.19
N HIS E 231 6.46 -36.59 -37.37
CA HIS E 231 7.50 -36.91 -38.34
C HIS E 231 8.84 -37.04 -37.64
N ALA E 232 9.62 -38.03 -38.06
CA ALA E 232 10.96 -38.17 -37.52
C ALA E 232 11.94 -38.36 -38.68
N SER E 233 13.20 -38.05 -38.41
CA SER E 233 14.28 -38.22 -39.38
C SER E 233 15.59 -38.34 -38.64
N SER E 234 16.50 -39.10 -39.23
CA SER E 234 17.83 -39.33 -38.65
C SER E 234 18.83 -39.52 -39.78
N SER E 235 20.10 -39.27 -39.47
CA SER E 235 21.17 -39.36 -40.45
C SER E 235 22.43 -39.85 -39.77
N LEU E 236 23.36 -40.35 -40.58
CA LEU E 236 24.64 -40.85 -40.08
C LEU E 236 25.68 -40.71 -41.18
N THR E 237 26.86 -40.22 -40.82
CA THR E 237 27.96 -40.09 -41.77
C THR E 237 28.72 -41.41 -41.85
N VAL E 238 28.77 -41.98 -43.05
CA VAL E 238 29.45 -43.24 -43.30
C VAL E 238 30.46 -43.04 -44.42
N LYS E 239 31.17 -44.10 -44.80
CA LYS E 239 32.18 -44.03 -45.84
C LYS E 239 31.53 -43.90 -47.21
N SER E 240 32.39 -43.73 -48.23
CA SER E 240 31.89 -43.60 -49.61
C SER E 240 31.34 -44.91 -50.13
N GLY E 241 31.88 -46.04 -49.66
CA GLY E 241 31.38 -47.34 -50.01
C GLY E 241 30.36 -47.84 -49.00
N ASP E 242 30.05 -49.13 -49.09
CA ASP E 242 29.22 -49.93 -48.18
C ASP E 242 27.75 -49.48 -48.16
N GLU E 243 27.33 -48.63 -49.09
CA GLU E 243 25.97 -48.09 -49.07
C GLU E 243 24.92 -49.11 -49.50
N HIS E 244 25.33 -50.22 -50.12
CA HIS E 244 24.42 -51.30 -50.48
C HIS E 244 24.26 -52.33 -49.37
N HIS E 245 24.81 -52.07 -48.18
CA HIS E 245 24.77 -53.02 -47.08
C HIS E 245 23.86 -52.59 -45.94
N TYR E 246 23.61 -51.29 -45.77
CA TYR E 246 22.91 -50.79 -44.60
C TYR E 246 21.42 -51.12 -44.67
N CYS E 247 20.89 -51.66 -43.57
CA CYS E 247 19.48 -52.01 -43.43
C CYS E 247 19.02 -51.45 -42.08
N CYS E 248 18.44 -50.26 -42.11
CA CYS E 248 18.05 -49.57 -40.87
C CYS E 248 16.81 -50.22 -40.28
N ILE E 249 16.96 -50.81 -39.11
CA ILE E 249 15.85 -51.48 -38.43
C ILE E 249 15.10 -50.46 -37.58
N VAL E 250 13.78 -50.42 -37.75
CA VAL E 250 12.92 -49.47 -37.05
C VAL E 250 11.83 -50.26 -36.34
N GLN E 251 11.54 -49.91 -35.09
CA GLN E 251 10.44 -50.48 -34.33
C GLN E 251 9.55 -49.36 -33.80
N HIS E 252 8.26 -49.65 -33.72
CA HIS E 252 7.25 -48.65 -33.36
C HIS E 252 5.99 -49.40 -32.92
N ALA E 253 5.16 -48.71 -32.12
CA ALA E 253 3.94 -49.31 -31.59
C ALA E 253 2.90 -49.61 -32.65
N GLY E 254 2.94 -48.91 -33.79
CA GLY E 254 2.06 -49.20 -34.91
C GLY E 254 2.52 -50.33 -35.81
N LEU E 255 3.65 -50.95 -35.49
CA LEU E 255 4.19 -52.07 -36.25
C LEU E 255 4.32 -53.27 -35.33
N ALA E 256 3.89 -54.43 -35.81
CA ALA E 256 3.98 -55.66 -35.04
C ALA E 256 5.29 -56.40 -35.27
N GLN E 257 6.21 -55.83 -36.04
CA GLN E 257 7.47 -56.47 -36.37
C GLN E 257 8.47 -55.40 -36.76
N PRO E 258 9.75 -55.56 -36.37
CA PRO E 258 10.77 -54.60 -36.80
C PRO E 258 11.09 -54.71 -38.28
N LEU E 259 10.29 -54.02 -39.10
CA LEU E 259 10.33 -54.15 -40.56
C LEU E 259 11.65 -53.62 -41.12
N ARG E 260 12.39 -54.50 -41.78
CA ARG E 260 13.64 -54.10 -42.43
C ARG E 260 13.34 -53.36 -43.72
N VAL E 261 14.04 -52.25 -43.94
CA VAL E 261 13.81 -51.36 -45.08
C VAL E 261 15.06 -51.36 -45.95
N GLU E 262 14.87 -51.65 -47.24
CA GLU E 262 15.93 -51.66 -48.23
C GLU E 262 15.75 -50.49 -49.18
N LEU E 263 16.87 -49.89 -49.58
CA LEU E 263 16.86 -48.75 -50.51
C LEU E 263 16.36 -49.15 -51.89
N ILE F 1 20.02 -14.19 -20.65
CA ILE F 1 18.72 -14.69 -21.03
C ILE F 1 18.59 -14.61 -22.56
N GLN F 2 18.99 -15.68 -23.23
CA GLN F 2 18.96 -15.75 -24.69
C GLN F 2 19.06 -17.20 -25.11
N ARG F 3 18.23 -17.61 -26.07
CA ARG F 3 18.25 -18.97 -26.61
C ARG F 3 18.21 -18.90 -28.13
N THR F 4 19.23 -19.47 -28.77
CA THR F 4 19.26 -19.49 -30.23
C THR F 4 18.38 -20.64 -30.75
N PRO F 5 17.62 -20.41 -31.82
CA PRO F 5 16.62 -21.40 -32.24
C PRO F 5 17.19 -22.58 -33.01
N LYS F 6 16.29 -23.46 -33.47
CA LYS F 6 16.67 -24.63 -34.25
C LYS F 6 15.57 -24.87 -35.27
N ILE F 7 15.96 -24.97 -36.55
CA ILE F 7 15.02 -25.00 -37.66
C ILE F 7 15.00 -26.39 -38.26
N GLN F 8 13.81 -26.92 -38.53
CA GLN F 8 13.64 -28.19 -39.22
C GLN F 8 12.56 -28.02 -40.28
N VAL F 9 12.94 -28.22 -41.55
CA VAL F 9 12.02 -28.07 -42.67
C VAL F 9 11.81 -29.45 -43.29
N TYR F 10 10.56 -29.89 -43.37
CA TYR F 10 10.27 -31.25 -43.80
C TYR F 10 8.89 -31.27 -44.45
N SER F 11 8.42 -32.48 -44.75
CA SER F 11 7.15 -32.68 -45.42
C SER F 11 6.40 -33.84 -44.78
N ARG F 12 5.08 -33.85 -44.93
CA ARG F 12 4.25 -34.91 -44.38
C ARG F 12 4.23 -36.13 -45.31
N HIS F 13 3.71 -35.94 -46.51
CA HIS F 13 3.57 -36.98 -47.52
C HIS F 13 4.87 -37.14 -48.31
N PRO F 14 5.11 -38.31 -48.92
CA PRO F 14 6.27 -38.45 -49.79
C PRO F 14 6.16 -37.59 -51.03
N ALA F 15 7.31 -37.22 -51.59
CA ALA F 15 7.36 -36.32 -52.74
C ALA F 15 7.00 -37.02 -54.03
N GLU F 16 5.71 -37.28 -54.24
CA GLU F 16 5.23 -37.89 -55.47
C GLU F 16 4.67 -36.82 -56.40
N ASN F 17 5.03 -36.92 -57.68
CA ASN F 17 4.62 -35.91 -58.64
C ASN F 17 3.14 -36.05 -58.97
N GLY F 18 2.44 -34.91 -58.98
CA GLY F 18 1.02 -34.87 -59.27
C GLY F 18 0.12 -34.93 -58.06
N LYS F 19 0.62 -35.37 -56.92
CA LYS F 19 -0.16 -35.48 -55.70
C LYS F 19 0.14 -34.30 -54.78
N SER F 20 -0.88 -33.81 -54.09
CA SER F 20 -0.73 -32.69 -53.17
C SER F 20 0.08 -33.10 -51.95
N ASN F 21 0.69 -32.11 -51.30
CA ASN F 21 1.61 -32.39 -50.20
C ASN F 21 1.62 -31.20 -49.25
N PHE F 22 2.04 -31.44 -48.02
CA PHE F 22 2.10 -30.42 -46.99
C PHE F 22 3.54 -30.16 -46.57
N LEU F 23 3.98 -28.91 -46.70
CA LEU F 23 5.28 -28.47 -46.24
C LEU F 23 5.18 -27.94 -44.82
N ASN F 24 6.14 -28.33 -43.98
CA ASN F 24 6.16 -27.97 -42.56
C ASN F 24 7.51 -27.37 -42.21
N CYS F 25 7.49 -26.15 -41.66
CA CYS F 25 8.69 -25.52 -41.12
C CYS F 25 8.49 -25.38 -39.62
N TYR F 26 9.37 -26.01 -38.85
CA TYR F 26 9.24 -26.14 -37.39
C TYR F 26 10.46 -25.52 -36.73
N VAL F 27 10.26 -24.43 -36.00
CA VAL F 27 11.33 -23.77 -35.27
C VAL F 27 11.12 -24.05 -33.79
N SER F 28 12.19 -24.44 -33.09
CA SER F 28 12.05 -24.83 -31.69
C SER F 28 13.27 -24.39 -30.91
N GLY F 29 13.07 -24.21 -29.60
CA GLY F 29 14.17 -23.95 -28.69
C GLY F 29 14.65 -22.52 -28.69
N PHE F 30 13.76 -21.58 -28.37
CA PHE F 30 14.10 -20.17 -28.38
C PHE F 30 13.20 -19.44 -27.40
N HIS F 31 13.72 -18.35 -26.82
CA HIS F 31 12.87 -17.54 -25.97
C HIS F 31 12.95 -16.03 -26.23
N PRO F 32 12.69 -15.54 -27.46
CA PRO F 32 11.94 -14.28 -27.58
C PRO F 32 10.47 -14.58 -27.81
N SER F 33 9.60 -13.61 -27.58
CA SER F 33 8.19 -13.79 -27.90
C SER F 33 7.87 -13.48 -29.35
N ASP F 34 8.79 -12.85 -30.07
CA ASP F 34 8.57 -12.45 -31.46
C ASP F 34 9.55 -13.18 -32.37
N ILE F 35 9.05 -13.67 -33.50
CA ILE F 35 9.89 -14.30 -34.52
C ILE F 35 9.24 -14.02 -35.87
N GLU F 36 10.05 -13.90 -36.91
CA GLU F 36 9.53 -13.49 -38.22
C GLU F 36 9.90 -14.57 -39.24
N VAL F 37 8.95 -15.48 -39.51
CA VAL F 37 9.21 -16.66 -40.32
C VAL F 37 8.38 -16.57 -41.59
N ASP F 38 9.05 -16.72 -42.74
CA ASP F 38 8.40 -16.72 -44.05
C ASP F 38 8.77 -17.99 -44.81
N LEU F 39 7.88 -18.41 -45.69
CA LEU F 39 8.15 -19.51 -46.61
C LEU F 39 8.41 -18.96 -48.00
N LEU F 40 9.37 -19.56 -48.71
CA LEU F 40 9.83 -19.07 -50.00
C LEU F 40 9.72 -20.18 -51.04
N LYS F 41 9.09 -19.85 -52.16
CA LYS F 41 8.97 -20.74 -53.32
C LYS F 41 9.99 -20.25 -54.36
N ASN F 42 11.22 -20.76 -54.24
CA ASN F 42 12.36 -20.44 -55.12
C ASN F 42 12.65 -18.94 -55.15
N GLY F 43 12.57 -18.30 -53.97
CA GLY F 43 12.84 -16.90 -53.82
C GLY F 43 11.61 -16.03 -53.65
N GLU F 44 10.45 -16.50 -54.07
CA GLU F 44 9.21 -15.75 -53.97
C GLU F 44 8.44 -16.19 -52.73
N ARG F 45 7.95 -15.21 -51.98
CA ARG F 45 7.27 -15.49 -50.72
C ARG F 45 5.88 -16.07 -50.97
N ILE F 46 5.57 -17.17 -50.27
CA ILE F 46 4.25 -17.77 -50.37
C ILE F 46 3.25 -16.90 -49.61
N GLU F 47 2.13 -16.57 -50.25
CA GLU F 47 1.20 -15.60 -49.69
C GLU F 47 0.38 -16.20 -48.55
N LYS F 48 -0.40 -17.24 -48.85
CA LYS F 48 -1.32 -17.83 -47.88
C LYS F 48 -0.60 -18.92 -47.10
N VAL F 49 -0.12 -18.58 -45.90
CA VAL F 49 0.53 -19.52 -45.00
C VAL F 49 -0.20 -19.46 -43.67
N GLU F 50 -0.81 -20.58 -43.28
CA GLU F 50 -1.50 -20.67 -42.00
C GLU F 50 -0.51 -21.10 -40.91
N HIS F 51 -0.97 -21.00 -39.66
CA HIS F 51 -0.10 -21.22 -38.51
C HIS F 51 -0.80 -22.09 -37.48
N SER F 52 0.00 -22.59 -36.54
CA SER F 52 -0.48 -23.30 -35.37
C SER F 52 -0.30 -22.43 -34.14
N ASP F 53 -0.60 -23.00 -32.98
CA ASP F 53 -0.52 -22.26 -31.72
C ASP F 53 0.90 -22.26 -31.18
N LEU F 54 1.31 -21.12 -30.63
CA LEU F 54 2.65 -20.97 -30.07
C LEU F 54 2.71 -21.48 -28.64
N SER F 55 3.15 -22.72 -28.47
CA SER F 55 3.30 -23.33 -27.15
C SER F 55 4.78 -23.37 -26.78
N PHE F 56 5.09 -23.97 -25.63
CA PHE F 56 6.47 -24.12 -25.20
C PHE F 56 6.70 -25.55 -24.73
N SER F 57 7.97 -25.92 -24.63
CA SER F 57 8.40 -27.27 -24.30
C SER F 57 8.66 -27.38 -22.80
N LYS F 58 9.28 -28.50 -22.40
CA LYS F 58 9.54 -28.74 -20.98
C LYS F 58 10.64 -27.85 -20.44
N ASP F 59 11.54 -27.36 -21.30
CA ASP F 59 12.62 -26.48 -20.90
C ASP F 59 12.26 -24.99 -20.99
N TRP F 60 10.95 -24.68 -20.98
CA TRP F 60 10.41 -23.31 -20.99
C TRP F 60 10.87 -22.53 -22.22
N SER F 61 10.91 -23.20 -23.37
CA SER F 61 11.36 -22.60 -24.61
C SER F 61 10.32 -22.82 -25.70
N PHE F 62 10.13 -21.81 -26.55
CA PHE F 62 9.05 -21.79 -27.52
C PHE F 62 9.29 -22.80 -28.65
N TYR F 63 8.23 -23.03 -29.42
CA TYR F 63 8.29 -23.71 -30.70
C TYR F 63 7.08 -23.29 -31.53
N LEU F 64 7.32 -23.08 -32.82
CA LEU F 64 6.31 -22.59 -33.74
C LEU F 64 6.38 -23.38 -35.04
N LEU F 65 5.22 -23.77 -35.55
CA LEU F 65 5.10 -24.57 -36.76
C LEU F 65 4.28 -23.82 -37.79
N TYR F 66 4.85 -23.64 -38.98
CA TYR F 66 4.10 -23.14 -40.12
C TYR F 66 3.93 -24.27 -41.14
N TYR F 67 2.81 -24.24 -41.85
CA TYR F 67 2.47 -25.30 -42.78
C TYR F 67 1.81 -24.70 -44.02
N THR F 68 2.04 -25.34 -45.16
CA THR F 68 1.42 -24.90 -46.40
C THR F 68 1.17 -26.10 -47.29
N GLU F 69 0.38 -25.88 -48.34
CA GLU F 69 0.00 -26.91 -49.30
C GLU F 69 0.68 -26.63 -50.63
N PHE F 70 1.26 -27.67 -51.23
CA PHE F 70 2.04 -27.51 -52.46
C PHE F 70 1.93 -28.80 -53.26
N THR F 71 2.64 -28.84 -54.38
CA THR F 71 2.82 -30.04 -55.19
C THR F 71 4.31 -30.23 -55.46
N PRO F 72 4.90 -31.34 -55.04
CA PRO F 72 6.36 -31.50 -55.16
C PRO F 72 6.80 -31.77 -56.59
N THR F 73 7.94 -31.16 -56.94
CA THR F 73 8.50 -31.24 -58.27
C THR F 73 10.02 -31.32 -58.11
N GLU F 74 10.67 -32.06 -59.02
CA GLU F 74 12.13 -32.14 -59.05
C GLU F 74 12.77 -30.77 -59.28
N LYS F 75 12.16 -29.93 -60.12
CA LYS F 75 12.68 -28.59 -60.37
C LYS F 75 12.37 -27.65 -59.20
N ASP F 76 11.19 -27.76 -58.61
CA ASP F 76 10.77 -26.82 -57.57
C ASP F 76 11.47 -27.12 -56.25
N GLU F 77 12.02 -26.07 -55.64
CA GLU F 77 12.59 -26.13 -54.30
C GLU F 77 11.87 -25.13 -53.40
N TYR F 78 12.07 -25.29 -52.09
CA TYR F 78 11.41 -24.45 -51.11
C TYR F 78 12.40 -24.08 -50.01
N ALA F 79 12.16 -22.92 -49.39
CA ALA F 79 13.02 -22.42 -48.34
C ALA F 79 12.17 -21.86 -47.20
N CYS F 80 12.78 -21.75 -46.02
CA CYS F 80 12.10 -21.20 -44.84
C CYS F 80 13.03 -20.16 -44.21
N ARG F 81 12.71 -18.88 -44.41
CA ARG F 81 13.53 -17.80 -43.89
C ARG F 81 13.05 -17.44 -42.49
N VAL F 82 13.99 -17.36 -41.54
CA VAL F 82 13.67 -17.07 -40.15
C VAL F 82 14.48 -15.86 -39.70
N ASN F 83 13.78 -14.79 -39.32
CA ASN F 83 14.37 -13.63 -38.70
C ASN F 83 14.16 -13.71 -37.19
N HIS F 84 15.25 -13.57 -36.44
CA HIS F 84 15.29 -13.85 -35.02
C HIS F 84 16.16 -12.80 -34.36
N VAL F 85 16.06 -12.72 -33.02
CA VAL F 85 16.87 -11.77 -32.27
C VAL F 85 18.34 -12.17 -32.31
N THR F 86 18.63 -13.46 -32.23
CA THR F 86 20.01 -13.94 -32.26
C THR F 86 20.65 -13.86 -33.63
N LEU F 87 19.85 -13.68 -34.69
CA LEU F 87 20.35 -13.72 -36.06
C LEU F 87 20.52 -12.30 -36.58
N SER F 88 21.75 -11.93 -36.90
CA SER F 88 22.00 -10.62 -37.49
C SER F 88 21.51 -10.56 -38.93
N GLN F 89 21.52 -11.69 -39.63
CA GLN F 89 20.96 -11.83 -40.96
C GLN F 89 19.88 -12.90 -40.93
N PRO F 90 18.82 -12.76 -41.75
CA PRO F 90 17.77 -13.79 -41.74
C PRO F 90 18.23 -15.12 -42.33
N LYS F 91 18.25 -16.15 -41.49
CA LYS F 91 18.74 -17.46 -41.90
C LYS F 91 17.74 -18.14 -42.82
N ILE F 92 18.25 -18.62 -43.96
CA ILE F 92 17.44 -19.29 -44.97
C ILE F 92 17.82 -20.77 -44.98
N VAL F 93 16.84 -21.63 -44.76
CA VAL F 93 17.04 -23.07 -44.74
C VAL F 93 16.33 -23.67 -45.95
N LYS F 94 17.08 -24.43 -46.75
CA LYS F 94 16.56 -25.08 -47.94
C LYS F 94 15.89 -26.39 -47.57
N TRP F 95 14.72 -26.63 -48.16
CA TRP F 95 13.97 -27.85 -47.88
C TRP F 95 14.64 -29.06 -48.54
N ASP F 96 14.85 -30.11 -47.75
CA ASP F 96 15.33 -31.38 -48.25
C ASP F 96 14.15 -32.30 -48.53
N ARG F 97 14.27 -33.09 -49.59
CA ARG F 97 13.20 -34.00 -50.00
C ARG F 97 13.25 -35.33 -49.28
N ASP F 98 14.20 -35.53 -48.36
CA ASP F 98 14.34 -36.81 -47.68
C ASP F 98 14.30 -36.63 -46.17
N MET F 99 14.78 -35.49 -45.68
CA MET F 99 14.78 -35.21 -44.26
C MET F 99 13.53 -34.44 -43.86
#